data_1E5E
#
_entry.id   1E5E
#
_cell.length_a   88.258
_cell.length_b   88.258
_cell.length_c   217.849
_cell.angle_alpha   90.00
_cell.angle_beta   90.00
_cell.angle_gamma   120.00
#
_symmetry.space_group_name_H-M   'P 31 1 2'
#
loop_
_entity.id
_entity.type
_entity.pdbx_description
1 polymer 'METHIONINE GAMMA-LYASE'
2 non-polymer N-(HYDROXY{3-HYDROXY-2-METHYL-5-[(PHOSPHONOOXY)METHYL]PYRIDIN-4-YL}METHYL)NORVALINE
3 non-polymer 'SULFATE ION'
4 non-polymer GLYCEROL
5 water water
#
_entity_poly.entity_id   1
_entity_poly.type   'polypeptide(L)'
_entity_poly.pdbx_seq_one_letter_code
;MAHERMTPATACIHANPQKDQFGAAIPPIYQTSTFVFDNCQQGGNRFAGQESGYIYTRLGNPTVSNLEGKIAFLEKTEAC
VATSSGMGAIAATVLTILKAGDHLISDECLYGCTHALFEHALTKFGIQVDFINTAIPGEVKKHMKPNTKIVYFETPANPT
LKIIDMERVCKDAHSQEGVLVIADNTFCSPMITNPVDFGVDVVVHSATKYINGHTDVVAGLICGKADLLQQIRMVGIKDI
TGSVISPHDAWLITRGLSTLNIRMKAESENAMKVAEYLKSHPAVEKVYYPGFEDHEGHDIAKKQMRMYGSMITFILKSGF
EGAKKLLDNLKLITLAVSLGGCESLIQHPASMTHAVVPKEEREAAGITDGMIRLSVGIEDADELIADFKQGLDALLRSHH
HHHH
;
_entity_poly.pdbx_strand_id   A,B
#
# COMPACT_ATOMS: atom_id res chain seq x y z
N GLU A 4 23.26 13.12 -27.31
CA GLU A 4 21.82 12.83 -27.50
C GLU A 4 21.28 11.78 -26.52
N ARG A 5 20.04 12.03 -26.07
CA ARG A 5 19.42 11.23 -25.03
C ARG A 5 19.11 9.81 -25.51
N MET A 6 19.39 8.81 -24.67
CA MET A 6 19.09 7.42 -25.01
C MET A 6 17.64 7.36 -25.48
N THR A 7 17.31 6.75 -26.60
CA THR A 7 15.88 6.75 -26.99
C THR A 7 15.03 5.98 -25.98
N PRO A 8 13.72 6.22 -26.02
CA PRO A 8 12.77 5.51 -25.18
C PRO A 8 12.77 4.04 -25.50
N ALA A 9 12.95 3.66 -26.77
CA ALA A 9 12.97 2.26 -27.19
C ALA A 9 14.16 1.52 -26.59
N THR A 10 15.26 2.19 -26.31
CA THR A 10 16.40 1.52 -25.69
C THR A 10 16.32 1.62 -24.18
N ALA A 11 15.87 2.78 -23.72
CA ALA A 11 15.81 3.09 -22.32
C ALA A 11 14.84 2.21 -21.57
N CYS A 12 13.75 1.75 -22.16
CA CYS A 12 12.86 0.90 -21.36
C CYS A 12 13.53 -0.43 -21.02
N ILE A 13 14.61 -0.80 -21.73
CA ILE A 13 15.44 -1.93 -21.36
C ILE A 13 16.68 -1.47 -20.62
N HIS A 14 17.40 -0.44 -21.10
CA HIS A 14 18.69 -0.08 -20.53
C HIS A 14 18.83 1.18 -19.69
N ALA A 15 17.83 2.02 -19.47
CA ALA A 15 18.08 3.15 -18.56
C ALA A 15 18.34 2.66 -17.14
N ASN A 16 19.02 3.41 -16.30
CA ASN A 16 19.35 3.14 -14.92
C ASN A 16 19.97 1.78 -14.73
N PRO A 17 21.05 1.55 -15.45
CA PRO A 17 21.69 0.22 -15.42
C PRO A 17 22.13 -0.09 -14.01
N GLN A 18 21.98 -1.34 -13.59
CA GLN A 18 22.36 -1.78 -12.27
C GLN A 18 23.77 -2.35 -12.27
N LYS A 19 24.41 -2.46 -11.11
CA LYS A 19 25.74 -3.11 -11.11
C LYS A 19 25.64 -4.35 -10.23
N ASP A 20 25.44 -5.55 -10.74
CA ASP A 20 25.30 -6.68 -9.80
C ASP A 20 26.67 -7.30 -9.55
N GLN A 21 27.00 -7.77 -8.36
CA GLN A 21 28.31 -8.29 -8.00
C GLN A 21 28.70 -9.52 -8.82
N PHE A 22 27.72 -10.28 -9.25
CA PHE A 22 28.03 -11.45 -10.10
C PHE A 22 27.87 -11.12 -11.58
N GLY A 23 27.49 -9.90 -11.94
CA GLY A 23 27.29 -9.61 -13.38
C GLY A 23 25.95 -10.16 -13.87
N ALA A 24 25.00 -10.42 -12.96
CA ALA A 24 23.72 -10.98 -13.39
C ALA A 24 23.13 -10.14 -14.54
N ALA A 25 22.74 -10.75 -15.66
CA ALA A 25 22.17 -10.01 -16.76
C ALA A 25 20.82 -9.38 -16.35
N ILE A 26 20.06 -10.11 -15.58
CA ILE A 26 18.80 -9.60 -15.01
C ILE A 26 19.06 -9.47 -13.51
N PRO A 27 19.11 -8.25 -12.99
CA PRO A 27 19.36 -7.97 -11.58
C PRO A 27 18.44 -8.74 -10.64
N PRO A 28 18.95 -9.30 -9.57
CA PRO A 28 18.16 -10.20 -8.73
C PRO A 28 17.00 -9.58 -8.00
N ILE A 29 16.09 -10.41 -7.50
CA ILE A 29 14.96 -9.90 -6.73
C ILE A 29 15.27 -9.67 -5.27
N TYR A 30 15.31 -8.44 -4.75
CA TYR A 30 15.58 -8.25 -3.32
C TYR A 30 14.33 -8.53 -2.50
N GLN A 31 13.89 -9.78 -2.35
CA GLN A 31 12.71 -10.17 -1.56
C GLN A 31 13.21 -10.40 -0.13
N THR A 32 13.55 -9.29 0.52
CA THR A 32 14.10 -9.16 1.84
C THR A 32 13.41 -7.98 2.51
N SER A 33 12.98 -8.11 3.74
CA SER A 33 12.36 -6.98 4.42
C SER A 33 13.38 -6.02 5.03
N THR A 34 14.58 -6.54 5.36
CA THR A 34 15.52 -5.69 6.09
C THR A 34 16.94 -5.94 5.61
N PHE A 35 17.81 -4.98 5.93
CA PHE A 35 19.19 -4.89 5.45
C PHE A 35 20.13 -4.81 6.62
N VAL A 36 21.23 -5.52 6.56
CA VAL A 36 22.20 -5.60 7.64
C VAL A 36 23.20 -4.48 7.64
N PHE A 37 23.39 -3.80 8.75
CA PHE A 37 24.38 -2.73 8.82
C PHE A 37 25.73 -3.33 9.14
N ASP A 38 26.79 -2.81 8.52
CA ASP A 38 28.16 -3.18 8.88
C ASP A 38 28.49 -2.79 10.32
N ASN A 39 27.93 -1.71 10.82
CA ASN A 39 28.19 -1.30 12.20
C ASN A 39 27.09 -0.32 12.64
N CYS A 40 26.94 -0.02 13.92
CA CYS A 40 25.89 0.88 14.35
C CYS A 40 25.98 2.27 13.77
N GLN A 41 27.18 2.84 13.68
CA GLN A 41 27.33 4.19 13.15
C GLN A 41 26.68 4.28 11.76
N GLN A 42 26.98 3.31 10.91
CA GLN A 42 26.40 3.26 9.57
C GLN A 42 24.86 3.21 9.62
N GLY A 43 24.32 2.35 10.49
CA GLY A 43 22.85 2.28 10.64
C GLY A 43 22.29 3.64 11.06
N GLY A 44 22.87 4.28 12.09
CA GLY A 44 22.42 5.57 12.61
C GLY A 44 22.54 6.64 11.51
N ASN A 45 23.63 6.61 10.79
CA ASN A 45 23.84 7.49 9.67
C ASN A 45 22.80 7.29 8.55
N ARG A 46 22.44 6.05 8.22
CA ARG A 46 21.43 5.87 7.18
C ARG A 46 20.10 6.40 7.70
N PHE A 47 19.72 6.08 8.95
CA PHE A 47 18.47 6.66 9.46
C PHE A 47 18.50 8.17 9.52
N ALA A 48 19.65 8.80 9.67
CA ALA A 48 19.68 10.26 9.71
C ALA A 48 19.86 10.88 8.34
N GLY A 49 19.77 10.14 7.25
CA GLY A 49 19.90 10.69 5.90
C GLY A 49 21.30 11.16 5.63
N GLN A 50 22.30 10.64 6.34
CA GLN A 50 23.67 11.12 6.18
C GLN A 50 24.58 10.17 5.43
N GLU A 51 24.02 9.01 5.15
CA GLU A 51 24.78 7.98 4.42
C GLU A 51 23.82 7.21 3.52
N SER A 52 24.25 6.90 2.33
CA SER A 52 23.47 6.12 1.40
C SER A 52 23.48 4.65 1.84
N GLY A 53 22.72 3.83 1.14
CA GLY A 53 22.57 2.42 1.48
C GLY A 53 21.14 2.17 1.98
N TYR A 54 20.76 0.92 2.15
CA TYR A 54 19.42 0.49 2.50
C TYR A 54 19.26 0.11 3.96
N ILE A 55 18.01 0.11 4.37
CA ILE A 55 17.61 -0.12 5.76
C ILE A 55 16.50 -1.13 5.93
N TYR A 56 15.41 -0.85 5.23
CA TYR A 56 14.16 -1.61 5.42
C TYR A 56 13.27 -1.38 4.21
N THR A 57 12.65 -2.41 3.68
CA THR A 57 11.87 -2.30 2.44
C THR A 57 10.71 -1.34 2.40
N ARG A 58 10.08 -0.96 3.51
CA ARG A 58 9.06 0.09 3.53
C ARG A 58 9.77 1.40 3.17
N LEU A 59 11.03 1.57 3.53
CA LEU A 59 11.78 2.77 3.26
C LEU A 59 12.51 2.79 1.93
N GLY A 60 12.89 1.67 1.35
CA GLY A 60 13.56 1.65 0.06
C GLY A 60 14.08 0.20 -0.16
N ASN A 61 14.32 -0.16 -1.42
CA ASN A 61 14.78 -1.52 -1.72
C ASN A 61 15.43 -1.46 -3.08
N PRO A 62 16.55 -2.13 -3.27
CA PRO A 62 17.31 -2.04 -4.52
C PRO A 62 16.55 -2.48 -5.75
N THR A 63 15.70 -3.51 -5.68
CA THR A 63 14.91 -3.87 -6.88
C THR A 63 13.92 -2.74 -7.17
N VAL A 64 13.34 -2.15 -6.12
CA VAL A 64 12.34 -1.10 -6.32
C VAL A 64 13.03 0.15 -6.89
N SER A 65 14.24 0.51 -6.42
CA SER A 65 14.97 1.60 -6.96
C SER A 65 15.28 1.35 -8.44
N ASN A 66 15.63 0.13 -8.80
CA ASN A 66 15.90 -0.12 -10.22
C ASN A 66 14.70 0.32 -11.06
N LEU A 67 13.51 -0.20 -10.81
CA LEU A 67 12.31 0.22 -11.54
C LEU A 67 12.11 1.75 -11.48
N GLU A 68 12.23 2.36 -10.32
CA GLU A 68 12.06 3.79 -10.13
C GLU A 68 12.94 4.66 -11.01
N GLY A 69 14.21 4.33 -11.14
CA GLY A 69 15.19 5.10 -11.95
C GLY A 69 14.87 4.92 -13.41
N LYS A 70 14.42 3.72 -13.77
CA LYS A 70 14.04 3.49 -15.17
C LYS A 70 12.83 4.35 -15.54
N ILE A 71 11.82 4.47 -14.68
CA ILE A 71 10.62 5.25 -14.96
C ILE A 71 10.90 6.76 -14.88
N ALA A 72 11.69 7.19 -13.90
CA ALA A 72 12.06 8.61 -13.80
C ALA A 72 12.78 9.02 -15.09
N PHE A 73 13.66 8.15 -15.62
CA PHE A 73 14.32 8.48 -16.89
C PHE A 73 13.28 8.60 -18.01
N LEU A 74 12.38 7.61 -18.13
CA LEU A 74 11.37 7.65 -19.18
C LEU A 74 10.42 8.84 -19.09
N GLU A 75 10.11 9.36 -17.91
CA GLU A 75 9.25 10.50 -17.75
C GLU A 75 9.98 11.84 -17.71
N LYS A 76 11.28 11.82 -17.74
CA LYS A 76 12.20 12.91 -17.62
C LYS A 76 12.00 13.66 -16.31
N THR A 77 11.84 12.94 -15.20
CA THR A 77 11.65 13.57 -13.91
C THR A 77 12.90 13.34 -13.07
N GLU A 78 13.16 14.11 -12.02
CA GLU A 78 14.36 13.80 -11.24
C GLU A 78 14.22 12.45 -10.51
N ALA A 79 13.02 12.09 -10.08
CA ALA A 79 12.88 10.94 -9.20
C ALA A 79 11.55 10.24 -9.51
N CYS A 80 11.39 9.10 -8.88
CA CYS A 80 10.18 8.30 -8.99
C CYS A 80 10.07 7.46 -7.72
N VAL A 81 8.88 7.31 -7.20
CA VAL A 81 8.52 6.51 -6.04
C VAL A 81 7.49 5.46 -6.51
N ALA A 82 7.75 4.19 -6.29
CA ALA A 82 6.81 3.14 -6.68
C ALA A 82 5.90 2.80 -5.54
N THR A 83 4.68 2.35 -5.78
CA THR A 83 3.76 2.04 -4.72
C THR A 83 3.05 0.72 -5.09
N SER A 84 2.25 0.25 -4.13
CA SER A 84 1.55 -1.01 -4.35
C SER A 84 0.20 -0.84 -5.02
N SER A 85 -0.17 0.32 -5.55
CA SER A 85 -1.34 0.48 -6.37
C SER A 85 -1.36 1.91 -6.90
N GLY A 86 -1.98 2.02 -8.06
CA GLY A 86 -2.15 3.36 -8.65
C GLY A 86 -2.88 4.24 -7.62
N MET A 87 -3.91 3.72 -6.91
CA MET A 87 -4.56 4.59 -5.89
C MET A 87 -3.58 5.03 -4.82
N GLY A 88 -2.67 4.09 -4.43
CA GLY A 88 -1.66 4.44 -3.41
C GLY A 88 -0.72 5.53 -3.89
N ALA A 89 -0.39 5.55 -5.18
CA ALA A 89 0.45 6.57 -5.75
C ALA A 89 -0.30 7.92 -5.67
N ILE A 90 -1.57 7.90 -6.06
CA ILE A 90 -2.35 9.13 -5.99
C ILE A 90 -2.50 9.62 -4.54
N ALA A 91 -2.85 8.73 -3.64
CA ALA A 91 -3.11 9.06 -2.26
C ALA A 91 -1.84 9.51 -1.57
N ALA A 92 -0.72 8.81 -1.77
CA ALA A 92 0.51 9.17 -1.07
C ALA A 92 0.95 10.57 -1.50
N THR A 93 0.72 10.87 -2.78
CA THR A 93 1.04 12.18 -3.32
C THR A 93 0.11 13.24 -2.72
N VAL A 94 -1.21 13.13 -2.92
CA VAL A 94 -2.06 14.20 -2.41
C VAL A 94 -2.11 14.20 -0.89
N LEU A 95 -1.92 13.12 -0.13
CA LEU A 95 -1.97 13.21 1.34
C LEU A 95 -0.69 13.78 1.93
N THR A 96 0.40 13.80 1.16
CA THR A 96 1.63 14.42 1.60
C THR A 96 1.53 15.95 1.43
N ILE A 97 1.02 16.34 0.26
CA ILE A 97 0.91 17.77 -0.05
C ILE A 97 -0.10 18.47 0.84
N LEU A 98 -1.35 18.03 0.78
CA LEU A 98 -2.43 18.69 1.50
C LEU A 98 -2.54 18.47 2.99
N LYS A 99 -3.25 19.40 3.61
CA LYS A 99 -3.59 19.41 5.03
C LYS A 99 -4.97 20.03 5.18
N ALA A 100 -5.69 19.70 6.23
CA ALA A 100 -7.00 20.24 6.52
C ALA A 100 -6.99 21.76 6.28
N GLY A 101 -7.98 22.18 5.46
CA GLY A 101 -8.00 23.60 5.11
C GLY A 101 -7.49 23.90 3.72
N ASP A 102 -6.68 23.01 3.12
CA ASP A 102 -6.20 23.28 1.77
C ASP A 102 -7.31 23.11 0.75
N HIS A 103 -7.05 23.51 -0.49
CA HIS A 103 -8.02 23.41 -1.58
C HIS A 103 -7.40 22.65 -2.76
N LEU A 104 -8.23 21.82 -3.34
CA LEU A 104 -7.88 21.04 -4.48
C LEU A 104 -8.84 21.24 -5.66
N ILE A 105 -8.26 21.51 -6.83
CA ILE A 105 -9.07 21.56 -8.04
C ILE A 105 -8.79 20.30 -8.88
N SER A 106 -9.86 19.63 -9.26
CA SER A 106 -9.75 18.47 -10.11
C SER A 106 -10.70 18.48 -11.31
N ASP A 107 -10.22 17.81 -12.35
CA ASP A 107 -11.10 17.67 -13.52
C ASP A 107 -12.18 16.76 -12.96
N GLU A 108 -13.40 16.98 -13.40
CA GLU A 108 -14.50 16.11 -12.99
C GLU A 108 -14.49 14.78 -13.68
N CYS A 109 -13.81 14.64 -14.83
CA CYS A 109 -13.86 13.29 -15.44
C CYS A 109 -12.60 12.53 -15.04
N LEU A 110 -12.70 11.71 -14.02
CA LEU A 110 -11.59 10.91 -13.51
C LEU A 110 -12.03 9.45 -13.41
N TYR A 111 -10.97 8.67 -13.22
CA TYR A 111 -11.23 7.28 -12.81
C TYR A 111 -12.19 7.28 -11.63
N GLY A 112 -13.14 6.37 -11.60
CA GLY A 112 -14.08 6.33 -10.49
C GLY A 112 -13.50 6.39 -9.08
N CYS A 113 -12.52 5.55 -8.75
CA CYS A 113 -11.98 5.54 -7.39
C CYS A 113 -11.24 6.81 -7.07
N THR A 114 -10.56 7.48 -7.98
CA THR A 114 -9.94 8.75 -7.64
C THR A 114 -10.98 9.81 -7.28
N HIS A 115 -12.07 9.82 -8.08
CA HIS A 115 -13.16 10.77 -7.86
C HIS A 115 -13.75 10.55 -6.46
N ALA A 116 -13.91 9.28 -6.08
CA ALA A 116 -14.40 9.00 -4.72
C ALA A 116 -13.43 9.41 -3.64
N LEU A 117 -12.14 9.14 -3.84
CA LEU A 117 -11.09 9.53 -2.89
C LEU A 117 -11.22 11.05 -2.61
N PHE A 118 -11.28 11.80 -3.72
CA PHE A 118 -11.37 13.24 -3.71
C PHE A 118 -12.69 13.74 -3.09
N GLU A 119 -13.83 13.19 -3.50
CA GLU A 119 -15.13 13.70 -3.11
C GLU A 119 -15.49 13.34 -1.67
N HIS A 120 -15.12 12.13 -1.24
CA HIS A 120 -15.46 11.66 0.08
C HIS A 120 -14.38 11.64 1.14
N ALA A 121 -13.21 11.09 0.86
CA ALA A 121 -12.13 11.02 1.83
C ALA A 121 -11.43 12.33 2.13
N LEU A 122 -10.98 13.03 1.07
CA LEU A 122 -10.29 14.30 1.26
C LEU A 122 -11.18 15.31 2.00
N THR A 123 -12.46 15.37 1.66
CA THR A 123 -13.38 16.29 2.30
C THR A 123 -13.68 15.91 3.75
N LYS A 124 -13.57 14.68 4.23
CA LYS A 124 -13.78 14.42 5.68
C LYS A 124 -12.55 14.78 6.50
N PHE A 125 -11.45 15.11 5.85
CA PHE A 125 -10.19 15.51 6.44
C PHE A 125 -9.95 16.99 6.28
N GLY A 126 -11.01 17.72 5.95
CA GLY A 126 -11.04 19.17 5.95
C GLY A 126 -10.45 19.78 4.68
N ILE A 127 -10.40 19.01 3.60
CA ILE A 127 -9.78 19.56 2.39
C ILE A 127 -10.88 20.10 1.50
N GLN A 128 -10.68 21.25 0.84
CA GLN A 128 -11.77 21.65 -0.07
C GLN A 128 -11.49 21.17 -1.49
N VAL A 129 -12.51 20.67 -2.16
CA VAL A 129 -12.40 20.10 -3.51
C VAL A 129 -13.46 20.66 -4.45
N ASP A 130 -13.09 21.12 -5.64
CA ASP A 130 -14.04 21.45 -6.70
C ASP A 130 -13.71 20.58 -7.92
N PHE A 131 -14.73 20.06 -8.55
CA PHE A 131 -14.61 19.27 -9.76
C PHE A 131 -15.05 20.17 -10.91
N ILE A 132 -14.13 20.51 -11.81
CA ILE A 132 -14.47 21.37 -12.95
C ILE A 132 -14.12 20.72 -14.27
N ASN A 133 -14.42 21.36 -15.39
CA ASN A 133 -14.00 20.85 -16.69
C ASN A 133 -12.72 21.61 -17.01
N THR A 134 -11.55 20.97 -16.74
CA THR A 134 -10.31 21.71 -16.96
C THR A 134 -10.04 21.83 -18.46
N ALA A 135 -10.75 21.14 -19.34
CA ALA A 135 -10.59 21.24 -20.78
C ALA A 135 -11.16 22.56 -21.31
N ILE A 136 -11.99 23.24 -20.54
CA ILE A 136 -12.57 24.52 -20.91
C ILE A 136 -11.80 25.74 -20.45
N PRO A 137 -11.32 26.54 -21.42
CA PRO A 137 -10.62 27.77 -21.14
C PRO A 137 -11.30 28.56 -20.03
N GLY A 138 -10.51 29.04 -19.07
CA GLY A 138 -10.97 29.81 -17.93
C GLY A 138 -11.40 29.07 -16.69
N GLU A 139 -11.93 27.84 -16.80
CA GLU A 139 -12.41 27.18 -15.59
C GLU A 139 -11.37 27.04 -14.49
N VAL A 140 -10.11 26.79 -14.80
CA VAL A 140 -9.09 26.61 -13.78
C VAL A 140 -8.89 27.90 -13.02
N LYS A 141 -8.48 28.94 -13.74
CA LYS A 141 -8.25 30.22 -13.12
C LYS A 141 -9.46 30.72 -12.34
N LYS A 142 -10.68 30.52 -12.82
CA LYS A 142 -11.86 30.99 -12.08
C LYS A 142 -12.05 30.29 -10.74
N HIS A 143 -11.55 29.04 -10.60
CA HIS A 143 -11.79 28.37 -9.33
C HIS A 143 -10.64 28.45 -8.36
N MET A 144 -9.60 29.12 -8.74
CA MET A 144 -8.43 29.22 -7.87
C MET A 144 -8.72 30.05 -6.65
N LYS A 145 -8.25 29.58 -5.49
CA LYS A 145 -8.47 30.26 -4.21
C LYS A 145 -7.13 30.42 -3.56
N PRO A 146 -7.04 31.25 -2.52
CA PRO A 146 -5.78 31.50 -1.88
C PRO A 146 -5.17 30.23 -1.30
N ASN A 147 -5.95 29.27 -0.89
CA ASN A 147 -5.47 28.02 -0.34
C ASN A 147 -5.38 26.90 -1.38
N THR A 148 -5.51 27.21 -2.67
CA THR A 148 -5.44 26.17 -3.72
C THR A 148 -4.03 25.60 -3.76
N LYS A 149 -3.87 24.32 -3.50
CA LYS A 149 -2.53 23.69 -3.57
C LYS A 149 -2.27 22.81 -4.80
N ILE A 150 -3.32 22.18 -5.29
CA ILE A 150 -3.26 21.23 -6.36
C ILE A 150 -4.31 21.41 -7.46
N VAL A 151 -3.83 21.26 -8.70
CA VAL A 151 -4.75 21.16 -9.84
C VAL A 151 -4.46 19.76 -10.42
N TYR A 152 -5.47 18.92 -10.56
CA TYR A 152 -5.30 17.51 -10.92
C TYR A 152 -6.18 17.14 -12.11
N PHE A 153 -5.66 16.36 -13.06
CA PHE A 153 -6.45 15.93 -14.20
C PHE A 153 -5.89 14.64 -14.81
N GLU A 154 -6.67 14.04 -15.70
CA GLU A 154 -6.21 12.88 -16.47
C GLU A 154 -6.43 13.20 -17.95
N THR A 155 -5.46 12.98 -18.81
CA THR A 155 -5.76 13.10 -20.24
C THR A 155 -4.96 12.06 -21.01
N PRO A 156 -5.61 11.29 -21.89
CA PRO A 156 -7.07 11.34 -22.08
C PRO A 156 -7.79 10.84 -20.84
N ALA A 157 -8.98 11.36 -20.57
CA ALA A 157 -9.70 11.00 -19.36
C ALA A 157 -10.37 9.62 -19.34
N ASN A 158 -10.40 9.05 -18.14
CA ASN A 158 -10.99 7.73 -17.93
C ASN A 158 -12.42 7.96 -17.49
N PRO A 159 -13.42 7.57 -18.26
CA PRO A 159 -13.26 6.80 -19.47
C PRO A 159 -13.66 7.46 -20.79
N THR A 160 -14.01 8.73 -20.79
CA THR A 160 -14.45 9.37 -22.05
C THR A 160 -13.37 9.70 -23.06
N LEU A 161 -12.10 9.70 -22.68
CA LEU A 161 -10.94 10.01 -23.46
C LEU A 161 -10.91 11.50 -23.84
N LYS A 162 -11.51 12.32 -22.97
CA LYS A 162 -11.52 13.77 -23.18
C LYS A 162 -10.07 14.25 -23.18
N ILE A 163 -9.70 15.13 -24.11
CA ILE A 163 -8.33 15.60 -24.13
C ILE A 163 -8.22 16.90 -23.36
N ILE A 164 -7.16 17.09 -22.58
CA ILE A 164 -7.01 18.35 -21.85
C ILE A 164 -5.73 19.00 -22.32
N ASP A 165 -5.80 20.28 -22.64
CA ASP A 165 -4.63 21.07 -22.99
C ASP A 165 -3.83 21.37 -21.72
N MET A 166 -2.81 20.56 -21.50
CA MET A 166 -1.96 20.60 -20.32
C MET A 166 -1.15 21.89 -20.20
N GLU A 167 -0.59 22.33 -21.31
CA GLU A 167 0.17 23.58 -21.22
C GLU A 167 -0.72 24.74 -20.69
N ARG A 168 -1.94 24.80 -21.21
CA ARG A 168 -2.89 25.80 -20.79
C ARG A 168 -3.26 25.70 -19.32
N VAL A 169 -3.56 24.47 -18.88
CA VAL A 169 -3.93 24.27 -17.50
C VAL A 169 -2.75 24.68 -16.62
N CYS A 170 -1.53 24.29 -17.00
CA CYS A 170 -0.39 24.64 -16.18
C CYS A 170 -0.17 26.15 -16.08
N LYS A 171 -0.27 26.86 -17.21
CA LYS A 171 -0.07 28.33 -17.14
C LYS A 171 -1.13 28.96 -16.25
N ASP A 172 -2.38 28.55 -16.34
CA ASP A 172 -3.39 29.05 -15.42
C ASP A 172 -3.13 28.67 -13.95
N ALA A 173 -2.80 27.42 -13.65
CA ALA A 173 -2.54 27.02 -12.28
C ALA A 173 -1.33 27.77 -11.73
N HIS A 174 -0.28 27.86 -12.54
CA HIS A 174 0.93 28.52 -12.09
C HIS A 174 0.88 30.06 -12.24
N SER A 175 -0.30 30.61 -12.55
CA SER A 175 -0.41 32.08 -12.52
C SER A 175 -0.48 32.51 -11.07
N GLN A 176 -0.73 31.59 -10.14
CA GLN A 176 -0.68 31.94 -8.71
C GLN A 176 0.50 31.15 -8.12
N GLU A 177 1.23 31.63 -7.11
CA GLU A 177 2.35 30.90 -6.56
C GLU A 177 1.95 29.68 -5.72
N GLY A 178 2.80 28.64 -5.70
CA GLY A 178 2.52 27.54 -4.72
C GLY A 178 1.46 26.55 -5.13
N VAL A 179 1.19 26.37 -6.43
CA VAL A 179 0.15 25.39 -6.86
C VAL A 179 0.92 24.26 -7.56
N LEU A 180 0.47 23.04 -7.27
CA LEU A 180 1.09 21.88 -7.95
C LEU A 180 0.13 21.30 -8.98
N VAL A 181 0.64 21.11 -10.19
CA VAL A 181 -0.20 20.48 -11.21
C VAL A 181 0.20 19.00 -11.25
N ILE A 182 -0.76 18.12 -11.15
CA ILE A 182 -0.53 16.68 -11.08
C ILE A 182 -1.25 16.04 -12.26
N ALA A 183 -0.56 15.31 -13.12
CA ALA A 183 -1.28 14.66 -14.24
C ALA A 183 -1.26 13.14 -14.08
N ASP A 184 -2.38 12.45 -14.24
CA ASP A 184 -2.37 10.97 -14.18
C ASP A 184 -2.18 10.50 -15.62
N ASN A 185 -0.98 10.01 -15.92
CA ASN A 185 -0.51 9.65 -17.25
C ASN A 185 -0.62 8.19 -17.57
N THR A 186 -1.47 7.48 -16.85
CA THR A 186 -1.68 6.05 -17.01
C THR A 186 -2.09 5.65 -18.42
N PHE A 187 -3.12 6.30 -18.97
CA PHE A 187 -3.62 5.97 -20.31
C PHE A 187 -2.58 6.20 -21.36
N CYS A 188 -1.65 7.14 -21.18
CA CYS A 188 -0.64 7.30 -22.22
C CYS A 188 0.61 6.45 -22.05
N SER A 189 1.15 6.40 -20.85
CA SER A 189 2.41 5.75 -20.50
C SER A 189 3.49 6.75 -20.89
N PRO A 190 4.71 6.59 -20.41
CA PRO A 190 5.81 7.46 -20.71
C PRO A 190 6.24 7.32 -22.16
N MET A 191 5.71 6.33 -22.90
CA MET A 191 6.10 6.20 -24.29
C MET A 191 5.28 7.19 -25.12
N ILE A 192 4.15 7.65 -24.62
CA ILE A 192 3.29 8.45 -25.51
C ILE A 192 3.41 9.91 -25.07
N THR A 193 3.41 10.12 -23.77
CA THR A 193 3.49 11.47 -23.24
C THR A 193 4.41 11.61 -22.04
N ASN A 194 5.12 12.70 -21.97
CA ASN A 194 5.90 13.10 -20.80
C ASN A 194 5.27 14.42 -20.35
N PRO A 195 4.27 14.39 -19.47
CA PRO A 195 3.56 15.58 -19.07
C PRO A 195 4.42 16.70 -18.53
N VAL A 196 5.58 16.48 -17.95
CA VAL A 196 6.45 17.53 -17.47
C VAL A 196 6.90 18.45 -18.63
N ASP A 197 6.91 17.98 -19.88
CA ASP A 197 7.24 18.78 -21.02
C ASP A 197 6.30 20.00 -21.12
N PHE A 198 5.08 19.89 -20.62
CA PHE A 198 4.05 20.90 -20.66
C PHE A 198 3.93 21.76 -19.41
N GLY A 199 4.77 21.54 -18.42
CA GLY A 199 4.82 22.31 -17.19
C GLY A 199 4.24 21.53 -16.00
N VAL A 200 3.80 20.29 -16.19
CA VAL A 200 3.21 19.51 -15.09
C VAL A 200 4.22 19.30 -13.98
N ASP A 201 3.86 19.29 -12.69
CA ASP A 201 4.91 19.14 -11.67
C ASP A 201 5.13 17.68 -11.27
N VAL A 202 4.02 16.95 -11.11
CA VAL A 202 3.99 15.58 -10.64
C VAL A 202 3.19 14.73 -11.62
N VAL A 203 3.72 13.55 -11.95
CA VAL A 203 3.05 12.63 -12.87
C VAL A 203 2.82 11.32 -12.13
N VAL A 204 1.58 10.83 -12.10
CA VAL A 204 1.33 9.55 -11.44
C VAL A 204 0.87 8.53 -12.48
N HIS A 205 0.97 7.24 -12.14
CA HIS A 205 0.53 6.15 -12.94
C HIS A 205 0.00 4.98 -12.08
N SER A 206 -0.95 4.29 -12.66
CA SER A 206 -1.36 2.98 -12.22
C SER A 206 -0.45 2.12 -13.11
N ALA A 207 0.64 1.61 -12.52
CA ALA A 207 1.59 0.78 -13.27
C ALA A 207 0.96 -0.59 -13.53
N THR A 208 -0.21 -0.85 -12.94
CA THR A 208 -1.04 -2.00 -13.17
C THR A 208 -1.45 -2.10 -14.64
N LYS A 209 -1.45 -0.99 -15.36
CA LYS A 209 -1.91 -0.97 -16.74
C LYS A 209 -0.78 -1.17 -17.71
N TYR A 210 -0.56 -0.26 -18.66
CA TYR A 210 0.40 -0.45 -19.72
C TYR A 210 1.84 -0.72 -19.30
N ILE A 211 2.38 -0.02 -18.31
CA ILE A 211 3.76 -0.10 -17.90
C ILE A 211 4.14 -1.56 -17.56
N ASN A 212 3.44 -2.23 -16.68
CA ASN A 212 3.62 -3.63 -16.41
C ASN A 212 3.14 -4.39 -17.65
N GLY A 213 1.96 -4.04 -18.15
CA GLY A 213 1.38 -4.54 -19.36
C GLY A 213 0.97 -5.99 -19.47
N HIS A 214 1.01 -6.76 -18.37
CA HIS A 214 0.71 -8.18 -18.44
C HIS A 214 -0.38 -8.59 -17.48
N THR A 215 -1.14 -7.65 -16.93
CA THR A 215 -2.36 -7.95 -16.19
C THR A 215 -2.15 -8.80 -14.96
N ASP A 216 -0.97 -8.76 -14.37
CA ASP A 216 -0.71 -9.66 -13.24
C ASP A 216 -0.13 -8.93 -12.05
N VAL A 217 0.00 -7.61 -12.11
CA VAL A 217 0.56 -6.86 -11.01
C VAL A 217 -0.29 -5.63 -10.70
N VAL A 218 -0.50 -5.33 -9.44
CA VAL A 218 -1.18 -4.09 -9.07
C VAL A 218 -0.08 -3.20 -8.47
N ALA A 219 0.13 -2.02 -9.02
CA ALA A 219 1.18 -1.15 -8.55
C ALA A 219 0.99 0.25 -9.12
N GLY A 220 1.63 1.21 -8.45
CA GLY A 220 1.55 2.61 -8.83
C GLY A 220 2.94 3.24 -8.92
N LEU A 221 3.03 4.38 -9.60
CA LEU A 221 4.24 5.19 -9.68
C LEU A 221 3.97 6.68 -9.56
N ILE A 222 4.92 7.39 -8.95
CA ILE A 222 4.87 8.79 -8.72
C ILE A 222 6.15 9.39 -9.28
N CYS A 223 6.06 10.38 -10.19
CA CYS A 223 7.30 10.86 -10.81
C CYS A 223 7.39 12.38 -10.67
N GLY A 224 8.54 12.91 -10.31
CA GLY A 224 8.61 14.37 -10.13
C GLY A 224 9.97 14.74 -9.54
N LYS A 225 10.02 15.91 -8.95
CA LYS A 225 11.24 16.45 -8.36
C LYS A 225 11.66 15.62 -7.16
N ALA A 226 12.96 15.63 -6.90
CA ALA A 226 13.52 14.88 -5.77
C ALA A 226 13.04 15.42 -4.44
N ASP A 227 12.93 16.74 -4.28
CA ASP A 227 12.53 17.31 -3.00
C ASP A 227 11.13 16.84 -2.60
N LEU A 228 10.15 17.09 -3.48
CA LEU A 228 8.80 16.67 -3.19
C LEU A 228 8.69 15.15 -3.05
N LEU A 229 9.33 14.36 -3.91
CA LEU A 229 9.20 12.92 -3.80
C LEU A 229 9.88 12.36 -2.57
N GLN A 230 10.91 13.07 -2.09
CA GLN A 230 11.52 12.64 -0.83
C GLN A 230 10.51 12.87 0.29
N GLN A 231 9.72 13.95 0.23
CA GLN A 231 8.69 14.13 1.24
C GLN A 231 7.61 13.06 1.12
N ILE A 232 7.18 12.76 -0.11
CA ILE A 232 6.15 11.73 -0.33
C ILE A 232 6.61 10.36 0.19
N ARG A 233 7.87 10.04 0.02
CA ARG A 233 8.42 8.76 0.47
C ARG A 233 8.46 8.70 1.99
N MET A 234 8.87 9.80 2.64
CA MET A 234 9.01 9.79 4.09
C MET A 234 7.71 9.99 4.81
N VAL A 235 6.71 10.63 4.24
CA VAL A 235 5.39 10.82 4.84
C VAL A 235 4.32 9.98 4.15
N GLY A 236 4.07 10.22 2.86
CA GLY A 236 3.02 9.48 2.15
C GLY A 236 3.17 7.96 2.20
N ILE A 237 4.37 7.47 1.91
CA ILE A 237 4.58 6.02 1.85
C ILE A 237 4.82 5.43 3.24
N LYS A 238 5.81 5.96 3.92
CA LYS A 238 6.29 5.50 5.19
C LYS A 238 5.24 5.54 6.29
N ASP A 239 4.41 6.55 6.42
CA ASP A 239 3.46 6.65 7.51
C ASP A 239 2.00 6.57 7.03
N ILE A 240 1.67 7.40 6.05
CA ILE A 240 0.24 7.57 5.75
C ILE A 240 -0.35 6.44 4.94
N THR A 241 0.23 6.03 3.82
CA THR A 241 -0.47 4.97 3.10
C THR A 241 0.06 3.60 3.50
N GLY A 242 1.38 3.51 3.65
CA GLY A 242 2.00 2.19 3.85
C GLY A 242 1.78 1.37 2.58
N SER A 243 1.72 2.08 1.43
CA SER A 243 1.54 1.42 0.15
C SER A 243 2.92 0.99 -0.36
N VAL A 244 3.38 -0.10 0.23
CA VAL A 244 4.73 -0.58 -0.01
C VAL A 244 4.74 -1.65 -1.10
N ILE A 245 5.37 -1.34 -2.22
CA ILE A 245 5.38 -2.33 -3.29
C ILE A 245 6.23 -3.54 -2.92
N SER A 246 5.81 -4.71 -3.33
CA SER A 246 6.56 -5.95 -3.19
C SER A 246 7.73 -5.91 -4.18
N PRO A 247 8.92 -6.25 -3.75
CA PRO A 247 10.08 -6.32 -4.61
C PRO A 247 9.88 -7.32 -5.74
N HIS A 248 9.15 -8.39 -5.49
CA HIS A 248 8.85 -9.38 -6.52
C HIS A 248 7.98 -8.74 -7.60
N ASP A 249 7.02 -7.91 -7.26
CA ASP A 249 6.15 -7.24 -8.19
C ASP A 249 6.91 -6.14 -8.92
N ALA A 250 7.75 -5.40 -8.20
CA ALA A 250 8.55 -4.39 -8.90
C ALA A 250 9.40 -5.06 -9.97
N TRP A 251 10.03 -6.20 -9.62
CA TRP A 251 10.83 -6.91 -10.61
C TRP A 251 10.00 -7.33 -11.81
N LEU A 252 8.76 -7.79 -11.62
CA LEU A 252 7.87 -8.15 -12.71
C LEU A 252 7.50 -6.95 -13.58
N ILE A 253 7.38 -5.78 -13.00
CA ILE A 253 7.06 -4.53 -13.70
C ILE A 253 8.26 -4.16 -14.56
N THR A 254 9.46 -4.27 -13.99
CA THR A 254 10.66 -4.03 -14.77
C THR A 254 10.72 -4.97 -15.97
N ARG A 255 10.39 -6.24 -15.78
CA ARG A 255 10.35 -7.19 -16.87
C ARG A 255 9.36 -6.74 -17.95
N GLY A 256 8.15 -6.41 -17.51
CA GLY A 256 7.07 -5.96 -18.36
C GLY A 256 7.44 -4.66 -19.10
N LEU A 257 8.16 -3.75 -18.44
CA LEU A 257 8.61 -2.50 -18.99
C LEU A 257 9.53 -2.66 -20.17
N SER A 258 10.32 -3.75 -20.20
CA SER A 258 11.24 -3.94 -21.29
C SER A 258 10.52 -4.09 -22.61
N THR A 259 9.24 -4.50 -22.67
CA THR A 259 8.56 -4.53 -23.97
C THR A 259 7.58 -3.36 -24.13
N LEU A 260 7.61 -2.38 -23.23
CA LEU A 260 6.65 -1.29 -23.26
C LEU A 260 6.62 -0.59 -24.63
N ASN A 261 7.82 -0.29 -25.16
CA ASN A 261 7.83 0.41 -26.45
C ASN A 261 7.17 -0.39 -27.57
N ILE A 262 7.50 -1.69 -27.70
CA ILE A 262 6.91 -2.46 -28.80
C ILE A 262 5.45 -2.80 -28.56
N ARG A 263 5.00 -2.89 -27.35
CA ARG A 263 3.60 -3.12 -27.01
C ARG A 263 2.74 -1.87 -27.28
N MET A 264 3.22 -0.71 -26.85
CA MET A 264 2.47 0.53 -27.09
C MET A 264 2.28 0.78 -28.60
N LYS A 265 3.32 0.57 -29.38
CA LYS A 265 3.25 0.74 -30.81
C LYS A 265 2.26 -0.24 -31.41
N ALA A 266 2.45 -1.51 -31.09
CA ALA A 266 1.53 -2.52 -31.61
C ALA A 266 0.10 -2.27 -31.14
N GLU A 267 -0.09 -1.86 -29.88
CA GLU A 267 -1.46 -1.61 -29.43
C GLU A 267 -2.09 -0.38 -30.06
N SER A 268 -1.37 0.69 -30.28
CA SER A 268 -1.84 1.93 -30.92
C SER A 268 -2.25 1.67 -32.37
N GLU A 269 -1.43 0.91 -33.10
CA GLU A 269 -1.67 0.56 -34.47
C GLU A 269 -2.94 -0.28 -34.58
N ASN A 270 -3.11 -1.25 -33.67
CA ASN A 270 -4.31 -2.03 -33.65
C ASN A 270 -5.54 -1.16 -33.35
N ALA A 271 -5.39 -0.29 -32.38
CA ALA A 271 -6.47 0.56 -31.92
C ALA A 271 -6.96 1.48 -33.06
N MET A 272 -6.02 2.05 -33.83
CA MET A 272 -6.48 2.87 -34.96
C MET A 272 -7.35 2.00 -35.87
N LYS A 273 -6.97 0.76 -36.18
CA LYS A 273 -7.79 -0.04 -37.07
C LYS A 273 -9.16 -0.37 -36.46
N VAL A 274 -9.13 -0.72 -35.17
CA VAL A 274 -10.37 -1.09 -34.51
C VAL A 274 -11.29 0.12 -34.35
N ALA A 275 -10.72 1.28 -34.06
CA ALA A 275 -11.57 2.44 -33.87
C ALA A 275 -12.24 2.80 -35.19
N GLU A 276 -11.51 2.79 -36.29
CA GLU A 276 -12.03 3.09 -37.60
C GLU A 276 -13.17 2.12 -37.98
N TYR A 277 -13.03 0.84 -37.63
CA TYR A 277 -14.10 -0.11 -37.92
C TYR A 277 -15.34 0.22 -37.09
N LEU A 278 -15.20 0.56 -35.81
CA LEU A 278 -16.33 0.82 -34.96
C LEU A 278 -17.11 2.05 -35.42
N LYS A 279 -16.34 3.04 -35.86
CA LYS A 279 -16.92 4.30 -36.27
C LYS A 279 -17.86 4.12 -37.47
N SER A 280 -17.57 3.17 -38.35
CA SER A 280 -18.46 3.08 -39.50
C SER A 280 -19.51 2.00 -39.39
N HIS A 281 -19.65 1.40 -38.21
CA HIS A 281 -20.64 0.38 -37.98
C HIS A 281 -21.99 1.02 -37.65
N PRO A 282 -23.05 0.59 -38.32
CA PRO A 282 -24.36 1.17 -38.12
C PRO A 282 -24.92 1.03 -36.71
N ALA A 283 -24.49 0.09 -35.87
CA ALA A 283 -25.00 0.05 -34.48
C ALA A 283 -24.35 1.07 -33.56
N VAL A 284 -23.33 1.76 -34.02
CA VAL A 284 -22.53 2.62 -33.17
C VAL A 284 -22.90 4.08 -33.37
N GLU A 285 -23.20 4.72 -32.27
CA GLU A 285 -23.55 6.12 -32.29
C GLU A 285 -22.33 7.01 -32.44
N LYS A 286 -21.32 6.71 -31.62
CA LYS A 286 -20.19 7.60 -31.49
C LYS A 286 -18.92 6.84 -31.12
N VAL A 287 -17.77 7.23 -31.65
CA VAL A 287 -16.52 6.60 -31.24
C VAL A 287 -15.56 7.72 -30.82
N TYR A 288 -15.06 7.62 -29.60
CA TYR A 288 -14.05 8.52 -29.04
C TYR A 288 -12.69 7.82 -29.17
N TYR A 289 -11.76 8.36 -29.90
CA TYR A 289 -10.41 7.85 -30.11
C TYR A 289 -9.56 9.09 -30.34
N PRO A 290 -8.42 9.25 -29.68
CA PRO A 290 -7.63 10.49 -29.87
C PRO A 290 -7.11 10.65 -31.27
N GLY A 291 -6.91 9.56 -32.00
CA GLY A 291 -6.37 9.65 -33.36
C GLY A 291 -7.34 10.22 -34.39
N PHE A 292 -8.63 10.23 -34.12
CA PHE A 292 -9.57 10.76 -35.10
C PHE A 292 -9.32 12.22 -35.41
N GLU A 293 -9.21 12.51 -36.70
CA GLU A 293 -9.00 13.85 -37.26
C GLU A 293 -10.11 14.85 -36.94
N ASP A 294 -11.37 14.42 -36.96
CA ASP A 294 -12.50 15.24 -36.57
C ASP A 294 -12.55 15.58 -35.08
N HIS A 295 -12.55 14.58 -34.21
CA HIS A 295 -12.63 14.74 -32.77
C HIS A 295 -11.99 16.00 -32.19
N GLU A 296 -12.61 16.45 -31.10
CA GLU A 296 -12.22 17.61 -30.31
C GLU A 296 -10.93 17.35 -29.53
N GLY A 297 -9.98 18.28 -29.65
CA GLY A 297 -8.73 18.13 -28.92
C GLY A 297 -7.71 17.30 -29.69
N HIS A 298 -8.00 17.04 -30.97
CA HIS A 298 -7.11 16.27 -31.82
C HIS A 298 -5.76 16.93 -32.05
N ASP A 299 -5.70 18.21 -32.36
CA ASP A 299 -4.47 18.96 -32.50
C ASP A 299 -3.74 19.05 -31.16
N ILE A 300 -4.47 19.15 -30.06
CA ILE A 300 -3.92 19.13 -28.71
C ILE A 300 -3.39 17.73 -28.40
N ALA A 301 -4.14 16.70 -28.78
CA ALA A 301 -3.76 15.31 -28.54
C ALA A 301 -2.50 15.01 -29.34
N LYS A 302 -2.50 15.53 -30.58
CA LYS A 302 -1.37 15.36 -31.46
C LYS A 302 -0.11 16.04 -30.92
N LYS A 303 -0.22 17.22 -30.34
CA LYS A 303 0.92 17.89 -29.73
C LYS A 303 1.37 17.17 -28.46
N GLN A 304 0.47 16.57 -27.70
CA GLN A 304 0.84 15.91 -26.46
C GLN A 304 1.16 14.41 -26.52
N MET A 305 0.69 13.71 -27.54
CA MET A 305 0.84 12.27 -27.67
C MET A 305 1.66 11.82 -28.85
N ARG A 306 2.72 11.06 -28.66
CA ARG A 306 3.51 10.58 -29.78
C ARG A 306 2.73 9.52 -30.57
N MET A 307 1.85 8.78 -29.88
CA MET A 307 1.01 7.77 -30.51
C MET A 307 -0.40 8.04 -29.97
N TYR A 308 -1.45 7.52 -30.59
CA TYR A 308 -2.77 7.84 -30.09
C TYR A 308 -3.30 6.85 -29.08
N GLY A 309 -2.49 5.87 -28.66
CA GLY A 309 -2.92 5.04 -27.53
C GLY A 309 -3.80 3.87 -27.97
N SER A 310 -4.18 3.03 -27.02
CA SER A 310 -4.96 1.85 -27.41
C SER A 310 -6.30 1.84 -26.71
N MET A 311 -6.65 2.96 -26.08
CA MET A 311 -7.97 3.11 -25.46
C MET A 311 -8.92 3.64 -26.56
N ILE A 312 -10.13 3.09 -26.57
CA ILE A 312 -11.17 3.48 -27.49
C ILE A 312 -12.46 3.52 -26.69
N THR A 313 -13.24 4.59 -26.68
CA THR A 313 -14.51 4.51 -25.94
C THR A 313 -15.67 4.71 -26.91
N PHE A 314 -16.74 3.95 -26.84
CA PHE A 314 -17.78 4.09 -27.84
C PHE A 314 -19.14 3.88 -27.19
N ILE A 315 -20.11 4.47 -27.91
CA ILE A 315 -21.50 4.42 -27.46
C ILE A 315 -22.35 3.80 -28.56
N LEU A 316 -23.14 2.80 -28.13
CA LEU A 316 -24.03 2.14 -29.06
C LEU A 316 -25.37 2.90 -29.12
N LYS A 317 -25.97 2.94 -30.31
CA LYS A 317 -27.26 3.62 -30.49
C LYS A 317 -28.36 2.91 -29.71
N SER A 318 -28.20 1.62 -29.37
CA SER A 318 -29.22 0.94 -28.61
C SER A 318 -28.99 1.06 -27.11
N GLY A 319 -28.10 1.94 -26.67
CA GLY A 319 -27.96 2.19 -25.24
C GLY A 319 -27.47 1.03 -24.37
N PHE A 320 -27.96 1.04 -23.14
CA PHE A 320 -27.55 0.15 -22.08
C PHE A 320 -27.75 -1.32 -22.41
N GLU A 321 -28.96 -1.64 -22.88
CA GLU A 321 -29.32 -3.02 -23.21
C GLU A 321 -28.47 -3.48 -24.37
N GLY A 322 -28.24 -2.60 -25.36
CA GLY A 322 -27.37 -2.98 -26.47
C GLY A 322 -25.94 -3.21 -25.95
N ALA A 323 -25.42 -2.41 -25.05
CA ALA A 323 -24.06 -2.61 -24.55
C ALA A 323 -23.93 -4.00 -23.90
N LYS A 324 -24.88 -4.40 -23.07
CA LYS A 324 -24.82 -5.70 -22.42
C LYS A 324 -24.84 -6.85 -23.43
N LYS A 325 -25.71 -6.76 -24.42
CA LYS A 325 -25.76 -7.83 -25.42
C LYS A 325 -24.42 -7.94 -26.14
N LEU A 326 -23.85 -6.81 -26.54
CA LEU A 326 -22.57 -6.89 -27.27
C LEU A 326 -21.48 -7.47 -26.37
N LEU A 327 -21.36 -6.98 -25.13
CA LEU A 327 -20.31 -7.41 -24.22
C LEU A 327 -20.48 -8.87 -23.81
N ASP A 328 -21.73 -9.33 -23.73
CA ASP A 328 -21.92 -10.74 -23.43
C ASP A 328 -21.66 -11.60 -24.65
N ASN A 329 -21.57 -11.14 -25.88
CA ASN A 329 -21.38 -12.08 -26.99
C ASN A 329 -20.01 -12.04 -27.66
N LEU A 330 -19.13 -11.24 -27.06
CA LEU A 330 -17.76 -11.12 -27.55
C LEU A 330 -17.00 -12.41 -27.20
N LYS A 331 -16.27 -12.95 -28.16
CA LYS A 331 -15.54 -14.17 -27.92
C LYS A 331 -14.02 -13.99 -27.77
N LEU A 332 -13.42 -12.93 -28.25
CA LEU A 332 -11.96 -12.81 -28.20
C LEU A 332 -11.59 -11.73 -27.19
N ILE A 333 -12.31 -10.62 -27.25
CA ILE A 333 -12.12 -9.50 -26.32
C ILE A 333 -12.63 -9.95 -24.96
N THR A 334 -11.91 -9.63 -23.90
CA THR A 334 -12.21 -10.12 -22.56
C THR A 334 -12.97 -9.12 -21.73
N LEU A 335 -14.05 -9.57 -21.12
CA LEU A 335 -14.91 -8.74 -20.28
C LEU A 335 -14.39 -8.71 -18.85
N ALA A 336 -13.79 -7.64 -18.44
CA ALA A 336 -13.22 -7.47 -17.13
C ALA A 336 -12.80 -6.03 -17.00
N VAL A 337 -12.58 -5.49 -15.82
CA VAL A 337 -12.09 -4.11 -15.72
C VAL A 337 -10.56 -4.17 -15.84
N SER A 338 -9.89 -3.03 -15.68
CA SER A 338 -8.49 -2.90 -15.91
C SER A 338 -8.25 -2.61 -17.41
N LEU A 339 -6.99 -2.49 -17.81
CA LEU A 339 -6.68 -2.12 -19.19
C LEU A 339 -5.18 -2.19 -19.37
N GLY A 340 -4.68 -1.92 -20.58
CA GLY A 340 -3.25 -1.86 -20.80
C GLY A 340 -2.59 -3.24 -20.90
N GLY A 341 -3.34 -4.35 -20.96
CA GLY A 341 -2.62 -5.62 -21.05
C GLY A 341 -2.40 -6.02 -22.50
N CYS A 342 -1.70 -7.13 -22.70
CA CYS A 342 -1.45 -7.70 -24.01
C CYS A 342 -2.76 -8.19 -24.61
N GLU A 343 -3.67 -8.65 -23.75
CA GLU A 343 -4.97 -9.07 -24.25
C GLU A 343 -5.94 -7.88 -24.19
N SER A 344 -6.85 -7.83 -25.15
CA SER A 344 -7.81 -6.74 -25.24
C SER A 344 -8.91 -6.90 -24.18
N LEU A 345 -9.20 -5.80 -23.49
CA LEU A 345 -10.15 -5.84 -22.38
C LEU A 345 -11.30 -4.88 -22.66
N ILE A 346 -12.50 -5.14 -22.16
CA ILE A 346 -13.63 -4.26 -22.40
C ILE A 346 -14.56 -4.20 -21.21
N GLN A 347 -15.26 -3.11 -20.96
CA GLN A 347 -16.15 -3.01 -19.81
C GLN A 347 -17.15 -1.86 -19.98
N HIS A 348 -18.06 -1.78 -19.00
CA HIS A 348 -19.17 -0.82 -19.10
C HIS A 348 -19.06 0.13 -17.93
N PRO A 349 -18.49 1.30 -18.10
CA PRO A 349 -18.17 2.18 -16.99
C PRO A 349 -19.28 2.54 -16.03
N ALA A 350 -20.49 2.87 -16.50
CA ALA A 350 -21.57 3.28 -15.60
C ALA A 350 -21.95 2.17 -14.64
N SER A 351 -21.85 0.89 -15.03
CA SER A 351 -22.18 -0.13 -14.04
C SER A 351 -20.96 -0.80 -13.40
N MET A 352 -19.76 -0.46 -13.87
CA MET A 352 -18.55 -1.13 -13.41
C MET A 352 -17.52 -0.18 -12.84
N THR A 353 -16.52 0.31 -13.60
CA THR A 353 -15.51 1.18 -13.03
C THR A 353 -16.04 2.49 -12.44
N HIS A 354 -17.17 2.99 -12.94
CA HIS A 354 -17.65 4.29 -12.46
C HIS A 354 -18.99 4.21 -11.78
N ALA A 355 -19.39 2.98 -11.42
CA ALA A 355 -20.64 2.79 -10.70
C ALA A 355 -20.57 3.46 -9.33
N VAL A 356 -19.38 3.64 -8.78
CA VAL A 356 -19.23 4.28 -7.48
C VAL A 356 -19.51 5.77 -7.54
N VAL A 357 -19.48 6.38 -8.72
CA VAL A 357 -19.74 7.82 -8.85
C VAL A 357 -21.23 8.06 -9.03
N PRO A 358 -21.85 8.92 -8.22
CA PRO A 358 -23.25 9.26 -8.38
C PRO A 358 -23.50 9.52 -9.86
N LYS A 359 -24.62 8.98 -10.33
CA LYS A 359 -25.12 9.06 -11.69
C LYS A 359 -25.06 10.46 -12.28
N GLU A 360 -25.53 11.47 -11.56
CA GLU A 360 -25.50 12.85 -12.04
C GLU A 360 -24.07 13.34 -12.27
N GLU A 361 -23.11 12.91 -11.44
CA GLU A 361 -21.73 13.29 -11.71
C GLU A 361 -21.21 12.53 -12.92
N ARG A 362 -21.65 11.28 -13.10
CA ARG A 362 -21.24 10.53 -14.26
C ARG A 362 -21.72 11.22 -15.55
N GLU A 363 -23.03 11.53 -15.50
CA GLU A 363 -23.69 12.14 -16.65
C GLU A 363 -23.12 13.52 -16.97
N ALA A 364 -22.84 14.32 -15.96
CA ALA A 364 -22.22 15.63 -16.20
C ALA A 364 -20.86 15.53 -16.88
N ALA A 365 -20.12 14.44 -16.63
CA ALA A 365 -18.79 14.24 -17.15
C ALA A 365 -18.83 13.49 -18.47
N GLY A 366 -20.04 13.25 -18.97
CA GLY A 366 -20.24 12.63 -20.25
C GLY A 366 -20.23 11.11 -20.18
N ILE A 367 -20.23 10.55 -18.97
CA ILE A 367 -20.26 9.08 -18.89
C ILE A 367 -21.72 8.69 -19.02
N THR A 368 -22.17 8.17 -20.14
CA THR A 368 -23.57 7.78 -20.33
C THR A 368 -23.68 6.30 -20.00
N ASP A 369 -24.89 5.74 -20.04
CA ASP A 369 -25.05 4.31 -19.78
C ASP A 369 -25.01 3.50 -21.07
N GLY A 370 -24.80 4.15 -22.21
CA GLY A 370 -24.61 3.41 -23.46
C GLY A 370 -23.09 3.30 -23.78
N MET A 371 -22.27 3.88 -22.90
CA MET A 371 -20.85 3.95 -23.11
C MET A 371 -20.11 2.65 -22.77
N ILE A 372 -19.24 2.24 -23.67
CA ILE A 372 -18.39 1.08 -23.53
C ILE A 372 -16.92 1.51 -23.59
N ARG A 373 -16.05 0.99 -22.72
CA ARG A 373 -14.62 1.34 -22.78
C ARG A 373 -13.80 0.13 -23.21
N LEU A 374 -12.85 0.29 -24.14
CA LEU A 374 -12.10 -0.80 -24.70
C LEU A 374 -10.61 -0.47 -24.56
N SER A 375 -9.80 -1.48 -24.24
CA SER A 375 -8.37 -1.31 -24.15
C SER A 375 -7.82 -2.37 -25.11
N VAL A 376 -7.24 -1.96 -26.22
CA VAL A 376 -6.90 -2.92 -27.26
C VAL A 376 -5.52 -3.50 -26.94
N GLY A 377 -5.34 -4.78 -27.14
CA GLY A 377 -4.08 -5.47 -26.92
C GLY A 377 -3.36 -5.78 -28.24
N ILE A 378 -2.53 -6.83 -28.27
CA ILE A 378 -1.70 -7.13 -29.41
C ILE A 378 -2.11 -8.37 -30.21
N GLU A 379 -3.36 -8.75 -30.12
CA GLU A 379 -3.91 -9.78 -30.98
C GLU A 379 -3.93 -9.30 -32.45
N ASP A 380 -4.25 -10.22 -33.35
CA ASP A 380 -4.36 -9.84 -34.77
C ASP A 380 -5.53 -8.88 -34.97
N ALA A 381 -5.33 -7.71 -35.58
CA ALA A 381 -6.34 -6.69 -35.75
C ALA A 381 -7.57 -7.20 -36.49
N ASP A 382 -7.42 -8.03 -37.53
CA ASP A 382 -8.54 -8.62 -38.24
C ASP A 382 -9.38 -9.55 -37.35
N GLU A 383 -8.69 -10.38 -36.53
CA GLU A 383 -9.48 -11.16 -35.57
C GLU A 383 -10.22 -10.26 -34.58
N LEU A 384 -9.64 -9.17 -34.09
CA LEU A 384 -10.37 -8.29 -33.20
C LEU A 384 -11.60 -7.70 -33.90
N ILE A 385 -11.44 -7.17 -35.10
CA ILE A 385 -12.54 -6.56 -35.85
C ILE A 385 -13.59 -7.62 -36.13
N ALA A 386 -13.18 -8.84 -36.49
CA ALA A 386 -14.18 -9.90 -36.67
C ALA A 386 -14.94 -10.22 -35.39
N ASP A 387 -14.33 -10.07 -34.19
CA ASP A 387 -15.10 -10.34 -32.98
C ASP A 387 -16.16 -9.25 -32.82
N PHE A 388 -15.77 -7.99 -33.11
CA PHE A 388 -16.81 -6.95 -33.01
C PHE A 388 -17.88 -7.12 -34.10
N LYS A 389 -17.48 -7.49 -35.31
CA LYS A 389 -18.47 -7.71 -36.37
C LYS A 389 -19.53 -8.73 -35.98
N GLN A 390 -19.16 -9.90 -35.48
CA GLN A 390 -20.17 -10.88 -35.15
C GLN A 390 -21.01 -10.34 -33.99
N GLY A 391 -20.38 -9.76 -32.99
CA GLY A 391 -21.09 -9.25 -31.82
C GLY A 391 -22.09 -8.17 -32.26
N LEU A 392 -21.61 -7.17 -33.01
CA LEU A 392 -22.44 -6.07 -33.46
C LEU A 392 -23.53 -6.48 -34.45
N ASP A 393 -23.22 -7.30 -35.44
CA ASP A 393 -24.22 -7.75 -36.40
C ASP A 393 -25.38 -8.41 -35.67
N ALA A 394 -25.13 -9.28 -34.71
CA ALA A 394 -26.14 -9.94 -33.91
C ALA A 394 -27.06 -8.98 -33.15
N LEU A 395 -26.46 -7.94 -32.60
CA LEU A 395 -27.18 -6.85 -31.98
C LEU A 395 -28.25 -6.35 -32.95
N LEU A 396 -27.83 -6.05 -34.18
CA LEU A 396 -28.69 -5.53 -35.20
C LEU A 396 -29.61 -6.56 -35.85
N ARG A 397 -29.15 -7.80 -35.98
CA ARG A 397 -29.88 -8.85 -36.65
C ARG A 397 -30.26 -9.99 -35.69
N GLU B 4 -14.96 -28.96 20.13
CA GLU B 4 -13.71 -28.24 20.52
C GLU B 4 -13.06 -27.60 19.29
N ARG B 5 -12.69 -26.34 19.44
CA ARG B 5 -12.10 -25.54 18.35
C ARG B 5 -10.75 -26.13 17.92
N MET B 6 -10.58 -26.18 16.62
CA MET B 6 -9.32 -26.61 16.02
C MET B 6 -8.19 -25.94 16.77
N THR B 7 -7.16 -26.64 17.25
CA THR B 7 -6.09 -25.98 17.96
C THR B 7 -5.27 -25.04 17.08
N PRO B 8 -4.63 -24.08 17.71
CA PRO B 8 -3.80 -23.08 17.02
C PRO B 8 -2.68 -23.75 16.25
N ALA B 9 -2.14 -24.84 16.81
CA ALA B 9 -1.08 -25.63 16.17
C ALA B 9 -1.55 -26.19 14.83
N THR B 10 -2.75 -26.80 14.86
CA THR B 10 -3.28 -27.37 13.63
C THR B 10 -3.80 -26.31 12.67
N ALA B 11 -4.35 -25.25 13.26
CA ALA B 11 -5.00 -24.23 12.45
C ALA B 11 -4.04 -23.35 11.65
N CYS B 12 -2.79 -23.18 12.07
CA CYS B 12 -1.96 -22.35 11.21
C CYS B 12 -1.74 -23.09 9.88
N ILE B 13 -1.97 -24.37 9.79
CA ILE B 13 -1.88 -25.07 8.53
C ILE B 13 -3.25 -25.27 7.89
N HIS B 14 -4.23 -25.66 8.71
CA HIS B 14 -5.50 -26.12 8.17
C HIS B 14 -6.69 -25.21 8.41
N ALA B 15 -6.62 -24.05 9.05
CA ALA B 15 -7.89 -23.28 9.09
C ALA B 15 -8.23 -22.78 7.69
N ASN B 16 -9.42 -22.31 7.46
CA ASN B 16 -9.82 -21.78 6.16
C ASN B 16 -9.33 -22.62 4.99
N PRO B 17 -9.64 -23.91 4.95
CA PRO B 17 -9.26 -24.79 3.88
C PRO B 17 -9.86 -24.28 2.57
N GLN B 18 -9.08 -24.36 1.50
CA GLN B 18 -9.41 -23.89 0.18
C GLN B 18 -9.90 -25.04 -0.70
N LYS B 19 -10.66 -24.83 -1.75
CA LYS B 19 -11.05 -25.97 -2.57
C LYS B 19 -10.52 -25.70 -3.95
N ASP B 20 -9.37 -26.17 -4.34
CA ASP B 20 -8.90 -25.81 -5.69
C ASP B 20 -9.50 -26.80 -6.67
N GLN B 21 -9.82 -26.40 -7.88
CA GLN B 21 -10.38 -27.34 -8.86
C GLN B 21 -9.49 -28.54 -9.16
N PHE B 22 -8.15 -28.46 -9.05
CA PHE B 22 -7.31 -29.60 -9.36
C PHE B 22 -6.92 -30.38 -8.11
N GLY B 23 -7.34 -29.97 -6.93
CA GLY B 23 -6.95 -30.60 -5.67
C GLY B 23 -5.51 -30.23 -5.28
N ALA B 24 -5.02 -29.06 -5.70
CA ALA B 24 -3.66 -28.66 -5.36
C ALA B 24 -3.42 -28.77 -3.86
N ALA B 25 -2.40 -29.45 -3.38
CA ALA B 25 -2.21 -29.49 -1.90
C ALA B 25 -1.96 -28.06 -1.41
N ILE B 26 -1.18 -27.24 -2.07
CA ILE B 26 -0.90 -25.86 -1.69
C ILE B 26 -1.65 -24.97 -2.71
N PRO B 27 -2.68 -24.25 -2.29
CA PRO B 27 -3.50 -23.43 -3.20
C PRO B 27 -2.60 -22.53 -4.04
N PRO B 28 -2.90 -22.34 -5.31
CA PRO B 28 -2.06 -21.63 -6.26
C PRO B 28 -1.97 -20.12 -6.05
N ILE B 29 -1.00 -19.54 -6.74
CA ILE B 29 -0.83 -18.10 -6.51
C ILE B 29 -1.66 -17.28 -7.48
N TYR B 30 -2.61 -16.49 -6.97
CA TYR B 30 -3.42 -15.69 -7.93
C TYR B 30 -2.76 -14.38 -8.32
N GLN B 31 -1.67 -14.44 -9.05
CA GLN B 31 -0.92 -13.25 -9.48
C GLN B 31 -1.62 -12.70 -10.72
N THR B 32 -2.78 -12.08 -10.54
CA THR B 32 -3.57 -11.56 -11.68
C THR B 32 -4.14 -10.25 -11.16
N SER B 33 -4.13 -9.20 -11.94
CA SER B 33 -4.69 -7.95 -11.45
C SER B 33 -6.22 -7.98 -11.54
N THR B 34 -6.76 -8.75 -12.48
CA THR B 34 -8.18 -8.72 -12.78
C THR B 34 -8.81 -10.05 -13.10
N PHE B 35 -10.14 -10.06 -12.99
CA PHE B 35 -10.98 -11.25 -13.04
C PHE B 35 -12.02 -11.14 -14.14
N VAL B 36 -12.28 -12.19 -14.89
CA VAL B 36 -13.23 -12.11 -16.00
C VAL B 36 -14.67 -12.27 -15.57
N PHE B 37 -15.58 -11.40 -16.00
CA PHE B 37 -16.99 -11.63 -15.63
C PHE B 37 -17.61 -12.58 -16.63
N ASP B 38 -18.56 -13.42 -16.20
CA ASP B 38 -19.23 -14.29 -17.19
C ASP B 38 -20.17 -13.45 -18.07
N ASN B 39 -20.71 -12.38 -17.52
CA ASN B 39 -21.61 -11.52 -18.28
C ASN B 39 -21.66 -10.17 -17.61
N CYS B 40 -22.23 -9.17 -18.29
CA CYS B 40 -22.28 -7.83 -17.69
C CYS B 40 -23.07 -7.73 -16.42
N GLN B 41 -24.16 -8.48 -16.38
CA GLN B 41 -25.02 -8.43 -15.19
C GLN B 41 -24.23 -8.88 -13.95
N GLN B 42 -23.47 -9.96 -14.08
CA GLN B 42 -22.64 -10.47 -12.98
C GLN B 42 -21.63 -9.42 -12.54
N GLY B 43 -20.97 -8.77 -13.48
CA GLY B 43 -20.01 -7.70 -13.21
C GLY B 43 -20.68 -6.57 -12.43
N GLY B 44 -21.83 -6.06 -12.92
CA GLY B 44 -22.53 -5.00 -12.21
C GLY B 44 -23.02 -5.47 -10.83
N ASN B 45 -23.40 -6.74 -10.68
CA ASN B 45 -23.85 -7.22 -9.37
C ASN B 45 -22.69 -7.23 -8.37
N ARG B 46 -21.51 -7.65 -8.84
CA ARG B 46 -20.37 -7.67 -7.91
C ARG B 46 -20.04 -6.24 -7.54
N PHE B 47 -19.98 -5.34 -8.53
CA PHE B 47 -19.63 -3.96 -8.19
C PHE B 47 -20.63 -3.37 -7.21
N ALA B 48 -21.87 -3.77 -7.21
CA ALA B 48 -22.86 -3.21 -6.30
C ALA B 48 -22.87 -3.90 -4.95
N GLY B 49 -22.09 -4.94 -4.76
CA GLY B 49 -22.06 -5.70 -3.52
C GLY B 49 -23.27 -6.64 -3.44
N GLN B 50 -23.87 -7.00 -4.56
CA GLN B 50 -25.02 -7.87 -4.59
C GLN B 50 -24.67 -9.29 -4.98
N GLU B 51 -23.43 -9.55 -5.36
CA GLU B 51 -23.08 -10.92 -5.75
C GLU B 51 -21.63 -11.19 -5.35
N SER B 52 -21.40 -12.41 -4.90
CA SER B 52 -20.04 -12.79 -4.50
C SER B 52 -19.19 -12.98 -5.76
N GLY B 53 -17.90 -13.20 -5.53
CA GLY B 53 -16.93 -13.41 -6.61
C GLY B 53 -15.96 -12.24 -6.70
N TYR B 54 -14.96 -12.35 -7.56
CA TYR B 54 -13.85 -11.38 -7.60
C TYR B 54 -14.04 -10.44 -8.76
N ILE B 55 -13.36 -9.28 -8.62
CA ILE B 55 -13.39 -8.21 -9.56
C ILE B 55 -12.00 -7.77 -9.98
N TYR B 56 -11.22 -7.37 -8.97
CA TYR B 56 -9.92 -6.73 -9.23
C TYR B 56 -9.07 -6.81 -7.96
N THR B 57 -7.78 -7.02 -8.15
CA THR B 57 -6.91 -7.26 -6.99
C THR B 57 -6.85 -6.17 -5.97
N ARG B 58 -7.01 -4.89 -6.19
CA ARG B 58 -7.08 -3.91 -5.10
C ARG B 58 -8.36 -4.19 -4.31
N LEU B 59 -9.43 -4.74 -4.89
CA LEU B 59 -10.64 -4.98 -4.12
C LEU B 59 -10.65 -6.31 -3.35
N GLY B 60 -9.97 -7.33 -3.88
CA GLY B 60 -9.97 -8.64 -3.24
C GLY B 60 -9.27 -9.64 -4.17
N ASN B 61 -8.74 -10.70 -3.59
CA ASN B 61 -8.03 -11.73 -4.39
C ASN B 61 -8.09 -13.04 -3.60
N PRO B 62 -8.35 -14.15 -4.25
CA PRO B 62 -8.50 -15.43 -3.60
C PRO B 62 -7.29 -15.86 -2.81
N THR B 63 -6.05 -15.65 -3.27
CA THR B 63 -4.88 -16.01 -2.48
C THR B 63 -4.86 -15.14 -1.22
N VAL B 64 -5.18 -13.85 -1.38
CA VAL B 64 -5.19 -12.95 -0.21
C VAL B 64 -6.29 -13.34 0.77
N SER B 65 -7.50 -13.67 0.30
CA SER B 65 -8.56 -14.16 1.16
C SER B 65 -8.13 -15.43 1.92
N ASN B 66 -7.41 -16.34 1.29
CA ASN B 66 -6.94 -17.54 1.97
C ASN B 66 -6.19 -17.17 3.24
N LEU B 67 -5.21 -16.27 3.11
CA LEU B 67 -4.45 -15.78 4.24
C LEU B 67 -5.33 -15.09 5.29
N GLU B 68 -6.19 -14.20 4.82
CA GLU B 68 -7.11 -13.49 5.69
C GLU B 68 -8.00 -14.41 6.52
N GLY B 69 -8.63 -15.42 5.96
CA GLY B 69 -9.47 -16.32 6.76
C GLY B 69 -8.67 -17.13 7.78
N LYS B 70 -7.41 -17.43 7.52
CA LYS B 70 -6.55 -18.23 8.41
C LYS B 70 -6.26 -17.35 9.63
N ILE B 71 -5.86 -16.11 9.42
CA ILE B 71 -5.56 -15.12 10.42
C ILE B 71 -6.80 -14.76 11.25
N ALA B 72 -7.94 -14.45 10.64
CA ALA B 72 -9.18 -14.21 11.36
C ALA B 72 -9.51 -15.38 12.30
N PHE B 73 -9.36 -16.59 11.83
CA PHE B 73 -9.58 -17.76 12.67
C PHE B 73 -8.64 -17.77 13.89
N LEU B 74 -7.33 -17.58 13.63
CA LEU B 74 -6.34 -17.59 14.67
C LEU B 74 -6.51 -16.45 15.66
N GLU B 75 -7.07 -15.34 15.22
CA GLU B 75 -7.29 -14.23 16.13
C GLU B 75 -8.70 -14.30 16.71
N LYS B 76 -9.52 -15.23 16.27
CA LYS B 76 -10.89 -15.33 16.73
C LYS B 76 -11.68 -14.07 16.38
N THR B 77 -11.50 -13.49 15.21
CA THR B 77 -12.28 -12.34 14.79
C THR B 77 -13.13 -12.82 13.59
N GLU B 78 -14.14 -12.04 13.22
CA GLU B 78 -15.01 -12.42 12.11
C GLU B 78 -14.29 -12.30 10.77
N ALA B 79 -13.35 -11.38 10.62
CA ALA B 79 -12.74 -11.13 9.32
C ALA B 79 -11.32 -10.62 9.48
N CYS B 80 -10.63 -10.50 8.37
CA CYS B 80 -9.29 -9.95 8.35
C CYS B 80 -9.04 -9.31 7.00
N VAL B 81 -8.37 -8.17 7.01
CA VAL B 81 -8.00 -7.50 5.77
C VAL B 81 -6.46 -7.44 5.72
N ALA B 82 -5.90 -7.97 4.64
CA ALA B 82 -4.44 -7.96 4.51
C ALA B 82 -3.95 -6.72 3.79
N THR B 83 -2.79 -6.17 4.14
CA THR B 83 -2.30 -4.98 3.49
C THR B 83 -0.83 -5.12 3.09
N SER B 84 -0.26 -4.13 2.42
CA SER B 84 1.12 -4.23 1.97
C SER B 84 2.11 -3.69 2.98
N SER B 85 1.68 -3.38 4.20
CA SER B 85 2.63 -3.10 5.30
C SER B 85 1.84 -2.90 6.59
N GLY B 86 2.53 -3.20 7.69
CA GLY B 86 1.94 -2.97 9.01
C GLY B 86 1.44 -1.52 9.12
N MET B 87 2.18 -0.53 8.65
CA MET B 87 1.78 0.87 8.69
C MET B 87 0.51 1.05 7.86
N GLY B 88 0.46 0.31 6.73
CA GLY B 88 -0.77 0.40 5.90
C GLY B 88 -1.95 -0.18 6.67
N ALA B 89 -1.75 -1.25 7.43
CA ALA B 89 -2.85 -1.82 8.20
C ALA B 89 -3.34 -0.78 9.22
N ILE B 90 -2.37 -0.20 9.93
CA ILE B 90 -2.69 0.85 10.90
C ILE B 90 -3.43 2.02 10.27
N ALA B 91 -2.84 2.62 9.23
CA ALA B 91 -3.42 3.77 8.52
C ALA B 91 -4.74 3.48 7.85
N ALA B 92 -4.95 2.34 7.18
CA ALA B 92 -6.22 2.02 6.56
C ALA B 92 -7.33 1.95 7.62
N THR B 93 -7.01 1.43 8.79
CA THR B 93 -7.96 1.34 9.90
C THR B 93 -8.35 2.71 10.47
N VAL B 94 -7.35 3.45 10.96
CA VAL B 94 -7.64 4.73 11.59
C VAL B 94 -8.11 5.74 10.53
N LEU B 95 -7.71 5.69 9.26
CA LEU B 95 -8.20 6.68 8.32
C LEU B 95 -9.59 6.31 7.81
N THR B 96 -9.99 5.05 7.92
CA THR B 96 -11.38 4.74 7.63
C THR B 96 -12.31 5.23 8.74
N ILE B 97 -11.93 4.97 9.98
CA ILE B 97 -12.77 5.34 11.11
C ILE B 97 -12.89 6.85 11.33
N LEU B 98 -11.79 7.57 11.31
CA LEU B 98 -11.74 8.96 11.69
C LEU B 98 -11.98 9.97 10.58
N LYS B 99 -12.36 11.18 11.00
CA LYS B 99 -12.58 12.32 10.16
C LYS B 99 -12.15 13.52 10.99
N ALA B 100 -12.02 14.67 10.37
CA ALA B 100 -11.60 15.93 10.96
C ALA B 100 -12.54 16.22 12.11
N GLY B 101 -12.04 16.51 13.31
CA GLY B 101 -12.97 16.77 14.42
C GLY B 101 -12.98 15.67 15.45
N ASP B 102 -12.63 14.45 15.07
CA ASP B 102 -12.58 13.29 15.95
C ASP B 102 -11.36 13.36 16.87
N HIS B 103 -11.35 12.52 17.87
CA HIS B 103 -10.27 12.45 18.85
C HIS B 103 -9.78 11.01 18.98
N LEU B 104 -8.47 10.85 19.09
CA LEU B 104 -7.86 9.54 19.29
C LEU B 104 -6.97 9.56 20.53
N ILE B 105 -7.06 8.52 21.37
CA ILE B 105 -6.15 8.41 22.51
C ILE B 105 -5.16 7.26 22.21
N SER B 106 -3.87 7.53 22.38
CA SER B 106 -2.89 6.50 22.17
C SER B 106 -1.91 6.38 23.33
N ASP B 107 -1.39 5.16 23.47
CA ASP B 107 -0.34 4.95 24.44
C ASP B 107 0.81 5.79 23.86
N GLU B 108 1.68 6.34 24.68
CA GLU B 108 2.78 7.13 24.18
C GLU B 108 3.97 6.28 23.74
N CYS B 109 4.09 5.06 24.25
CA CYS B 109 5.19 4.19 23.85
C CYS B 109 4.74 3.32 22.66
N LEU B 110 5.11 3.75 21.45
CA LEU B 110 4.75 3.10 20.23
C LEU B 110 5.97 2.92 19.33
N TYR B 111 5.73 2.03 18.35
CA TYR B 111 6.67 1.93 17.25
C TYR B 111 6.86 3.39 16.77
N GLY B 112 8.06 3.75 16.36
CA GLY B 112 8.37 5.13 16.00
C GLY B 112 7.51 5.64 14.86
N CYS B 113 7.32 4.86 13.79
CA CYS B 113 6.52 5.30 12.66
C CYS B 113 5.04 5.44 12.99
N THR B 114 4.48 4.66 13.92
CA THR B 114 3.07 4.82 14.28
C THR B 114 2.91 6.14 15.04
N HIS B 115 3.85 6.42 15.92
CA HIS B 115 3.90 7.64 16.70
C HIS B 115 3.90 8.85 15.75
N ALA B 116 4.73 8.81 14.71
CA ALA B 116 4.77 9.90 13.74
C ALA B 116 3.48 10.05 12.95
N LEU B 117 2.88 8.94 12.52
CA LEU B 117 1.58 8.97 11.85
C LEU B 117 0.55 9.71 12.71
N PHE B 118 0.49 9.34 14.00
CA PHE B 118 -0.50 9.92 14.90
C PHE B 118 -0.18 11.38 15.25
N GLU B 119 1.07 11.71 15.55
CA GLU B 119 1.47 13.03 15.95
C GLU B 119 1.42 14.07 14.83
N HIS B 120 1.87 13.69 13.64
CA HIS B 120 1.95 14.57 12.51
C HIS B 120 0.96 14.35 11.40
N ALA B 121 0.63 13.13 10.97
CA ALA B 121 -0.34 13.04 9.88
C ALA B 121 -1.75 13.23 10.37
N LEU B 122 -2.21 12.54 11.39
CA LEU B 122 -3.61 12.67 11.78
C LEU B 122 -3.89 14.11 12.21
N THR B 123 -3.00 14.76 12.95
CA THR B 123 -3.19 16.11 13.42
C THR B 123 -3.26 17.06 12.25
N LYS B 124 -2.62 16.85 11.08
CA LYS B 124 -2.86 17.76 10.00
C LYS B 124 -4.18 17.49 9.28
N PHE B 125 -4.84 16.38 9.56
CA PHE B 125 -6.15 16.12 8.95
C PHE B 125 -7.27 16.51 9.89
N GLY B 126 -6.96 17.32 10.90
CA GLY B 126 -7.96 17.81 11.84
C GLY B 126 -8.29 16.84 12.93
N ILE B 127 -7.54 15.75 13.11
CA ILE B 127 -7.85 14.78 14.17
C ILE B 127 -7.08 15.15 15.43
N GLN B 128 -7.72 15.05 16.59
CA GLN B 128 -7.02 15.39 17.82
C GLN B 128 -6.43 14.12 18.42
N VAL B 129 -5.21 14.22 18.93
CA VAL B 129 -4.58 13.05 19.53
C VAL B 129 -3.98 13.31 20.90
N ASP B 130 -4.19 12.38 21.82
CA ASP B 130 -3.53 12.43 23.11
C ASP B 130 -2.57 11.23 23.20
N PHE B 131 -1.34 11.46 23.62
CA PHE B 131 -0.38 10.43 23.95
C PHE B 131 -0.34 10.31 25.47
N ILE B 132 -0.70 9.18 26.06
CA ILE B 132 -0.70 9.00 27.51
C ILE B 132 -0.11 7.65 27.90
N ASN B 133 0.16 7.41 29.18
CA ASN B 133 0.63 6.06 29.55
C ASN B 133 -0.64 5.28 29.83
N THR B 134 -1.07 4.43 28.91
CA THR B 134 -2.30 3.69 29.07
C THR B 134 -2.11 2.53 30.05
N ALA B 135 -0.93 2.25 30.55
CA ALA B 135 -0.75 1.24 31.58
C ALA B 135 -1.15 1.77 32.98
N ILE B 136 -1.31 3.07 33.16
CA ILE B 136 -1.77 3.61 34.44
C ILE B 136 -3.29 3.47 34.58
N PRO B 137 -3.74 2.76 35.61
CA PRO B 137 -5.17 2.55 35.85
C PRO B 137 -5.90 3.88 35.87
N GLY B 138 -7.00 3.94 35.13
CA GLY B 138 -7.81 5.14 34.98
C GLY B 138 -7.37 6.19 33.98
N GLU B 139 -6.14 6.14 33.46
CA GLU B 139 -5.65 7.23 32.61
C GLU B 139 -6.48 7.45 31.35
N VAL B 140 -6.87 6.36 30.69
CA VAL B 140 -7.68 6.48 29.49
C VAL B 140 -8.96 7.28 29.74
N LYS B 141 -9.72 6.92 30.76
CA LYS B 141 -10.99 7.61 31.05
C LYS B 141 -10.74 9.09 31.30
N LYS B 142 -9.69 9.44 32.03
CA LYS B 142 -9.41 10.84 32.26
C LYS B 142 -9.23 11.65 31.00
N HIS B 143 -8.77 11.05 29.88
CA HIS B 143 -8.56 11.85 28.68
C HIS B 143 -9.67 11.75 27.67
N MET B 144 -10.74 11.05 27.98
CA MET B 144 -11.84 10.99 27.01
C MET B 144 -12.66 12.26 26.94
N LYS B 145 -13.17 12.54 25.77
CA LYS B 145 -14.00 13.65 25.40
C LYS B 145 -15.13 13.02 24.59
N PRO B 146 -16.18 13.79 24.36
CA PRO B 146 -17.38 13.33 23.66
C PRO B 146 -17.11 12.80 22.26
N ASN B 147 -16.11 13.41 21.62
CA ASN B 147 -15.72 13.06 20.28
C ASN B 147 -14.65 11.99 20.19
N THR B 148 -14.26 11.35 21.28
CA THR B 148 -13.32 10.27 21.35
C THR B 148 -13.78 9.09 20.50
N LYS B 149 -12.98 8.63 19.54
CA LYS B 149 -13.41 7.49 18.72
C LYS B 149 -12.57 6.23 18.82
N ILE B 150 -11.31 6.41 19.16
CA ILE B 150 -10.32 5.33 19.18
C ILE B 150 -9.38 5.45 20.38
N VAL B 151 -9.08 4.29 20.94
CA VAL B 151 -8.07 4.16 21.99
C VAL B 151 -7.14 3.10 21.36
N TYR B 152 -5.87 3.41 21.20
CA TYR B 152 -4.90 2.56 20.53
C TYR B 152 -3.70 2.27 21.42
N PHE B 153 -3.10 1.06 21.36
CA PHE B 153 -1.91 0.76 22.15
C PHE B 153 -1.20 -0.49 21.61
N GLU B 154 0.01 -0.71 22.08
CA GLU B 154 0.81 -1.87 21.78
C GLU B 154 1.24 -2.54 23.11
N THR B 155 1.04 -3.84 23.21
CA THR B 155 1.56 -4.49 24.42
C THR B 155 2.01 -5.91 24.08
N PRO B 156 3.23 -6.30 24.41
CA PRO B 156 4.23 -5.40 24.95
C PRO B 156 4.64 -4.31 23.96
N ALA B 157 4.97 -3.12 24.49
CA ALA B 157 5.29 -1.97 23.66
C ALA B 157 6.66 -2.02 23.01
N ASN B 158 6.76 -1.50 21.79
CA ASN B 158 8.00 -1.43 21.02
C ASN B 158 8.64 -0.08 21.27
N PRO B 159 9.80 -0.02 21.90
CA PRO B 159 10.62 -1.17 22.23
C PRO B 159 10.86 -1.53 23.68
N THR B 160 10.20 -0.82 24.61
CA THR B 160 10.51 -1.02 26.03
C THR B 160 9.90 -2.28 26.62
N LEU B 161 8.90 -2.87 25.96
CA LEU B 161 8.22 -4.07 26.41
C LEU B 161 7.35 -3.77 27.65
N LYS B 162 6.89 -2.54 27.74
CA LYS B 162 5.89 -2.16 28.72
C LYS B 162 4.62 -2.94 28.43
N ILE B 163 4.01 -3.40 29.50
CA ILE B 163 2.79 -4.16 29.49
C ILE B 163 1.58 -3.27 29.76
N ILE B 164 0.49 -3.49 29.04
CA ILE B 164 -0.72 -2.70 29.25
C ILE B 164 -1.85 -3.64 29.58
N ASP B 165 -2.61 -3.35 30.61
CA ASP B 165 -3.77 -4.19 31.01
C ASP B 165 -4.86 -3.90 29.99
N MET B 166 -5.01 -4.74 28.97
CA MET B 166 -6.00 -4.46 27.92
C MET B 166 -7.41 -4.39 28.45
N GLU B 167 -7.81 -5.34 29.28
CA GLU B 167 -9.19 -5.33 29.77
C GLU B 167 -9.54 -4.04 30.50
N ARG B 168 -8.65 -3.50 31.31
CA ARG B 168 -8.89 -2.25 32.02
C ARG B 168 -9.02 -1.10 31.02
N VAL B 169 -8.17 -1.12 29.99
CA VAL B 169 -8.30 -0.06 28.96
C VAL B 169 -9.65 -0.15 28.25
N CYS B 170 -10.11 -1.36 27.94
CA CYS B 170 -11.36 -1.51 27.22
C CYS B 170 -12.53 -1.05 28.07
N LYS B 171 -12.50 -1.35 29.36
CA LYS B 171 -13.55 -0.90 30.28
C LYS B 171 -13.69 0.62 30.21
N ASP B 172 -12.56 1.29 30.43
CA ASP B 172 -12.57 2.74 30.31
C ASP B 172 -13.07 3.21 28.95
N ALA B 173 -12.53 2.70 27.85
CA ALA B 173 -12.91 3.16 26.53
C ALA B 173 -14.36 2.91 26.20
N HIS B 174 -14.85 1.75 26.64
CA HIS B 174 -16.24 1.42 26.33
C HIS B 174 -17.19 1.98 27.38
N SER B 175 -16.72 2.83 28.28
CA SER B 175 -17.62 3.47 29.25
C SER B 175 -18.41 4.58 28.56
N GLN B 176 -18.13 4.93 27.32
CA GLN B 176 -19.00 5.88 26.59
C GLN B 176 -19.29 5.20 25.28
N GLU B 177 -20.43 5.43 24.65
CA GLU B 177 -20.74 4.74 23.41
C GLU B 177 -19.86 5.18 22.24
N GLY B 178 -19.69 4.28 21.29
CA GLY B 178 -19.02 4.55 20.04
C GLY B 178 -17.52 4.64 20.07
N VAL B 179 -16.83 3.95 20.97
CA VAL B 179 -15.37 4.03 20.97
C VAL B 179 -14.73 2.71 20.53
N LEU B 180 -13.74 2.74 19.63
CA LEU B 180 -13.11 1.49 19.20
C LEU B 180 -11.73 1.33 19.81
N VAL B 181 -11.48 0.16 20.38
CA VAL B 181 -10.16 -0.13 20.92
C VAL B 181 -9.37 -0.98 19.91
N ILE B 182 -8.19 -0.49 19.57
CA ILE B 182 -7.32 -1.10 18.58
C ILE B 182 -6.03 -1.47 19.27
N ALA B 183 -5.66 -2.74 19.14
CA ALA B 183 -4.40 -3.21 19.72
C ALA B 183 -3.48 -3.67 18.59
N ASP B 184 -2.22 -3.24 18.68
CA ASP B 184 -1.26 -3.70 17.68
C ASP B 184 -0.66 -4.95 18.34
N ASN B 185 -0.97 -6.13 17.80
CA ASN B 185 -0.52 -7.37 18.44
C ASN B 185 0.68 -7.99 17.75
N THR B 186 1.52 -7.19 17.10
CA THR B 186 2.66 -7.64 16.36
C THR B 186 3.65 -8.41 17.24
N PHE B 187 4.02 -7.86 18.38
CA PHE B 187 4.98 -8.49 19.28
C PHE B 187 4.51 -9.79 19.89
N CYS B 188 3.24 -10.08 20.05
CA CYS B 188 2.82 -11.37 20.53
C CYS B 188 2.53 -12.42 19.47
N SER B 189 1.85 -11.97 18.42
CA SER B 189 1.37 -12.84 17.34
C SER B 189 0.12 -13.50 17.97
N PRO B 190 -0.74 -14.08 17.15
CA PRO B 190 -1.93 -14.76 17.59
C PRO B 190 -1.63 -16.04 18.38
N MET B 191 -0.41 -16.60 18.36
CA MET B 191 -0.14 -17.76 19.18
C MET B 191 0.01 -17.38 20.67
N ILE B 192 0.33 -16.12 20.97
CA ILE B 192 0.57 -15.69 22.34
C ILE B 192 -0.68 -15.01 22.94
N THR B 193 -1.29 -14.15 22.16
CA THR B 193 -2.43 -13.39 22.62
C THR B 193 -3.52 -13.23 21.57
N ASN B 194 -4.75 -13.25 22.04
CA ASN B 194 -5.88 -12.88 21.19
C ASN B 194 -6.57 -11.69 21.90
N PRO B 195 -6.18 -10.48 21.58
CA PRO B 195 -6.69 -9.27 22.20
C PRO B 195 -8.20 -9.11 22.28
N VAL B 196 -9.02 -9.67 21.41
CA VAL B 196 -10.45 -9.64 21.49
C VAL B 196 -10.94 -10.36 22.74
N ASP B 197 -10.16 -11.26 23.34
CA ASP B 197 -10.51 -11.90 24.58
C ASP B 197 -10.74 -10.87 25.68
N PHE B 198 -10.03 -9.77 25.66
CA PHE B 198 -10.02 -8.74 26.68
C PHE B 198 -10.90 -7.54 26.39
N GLY B 199 -11.69 -7.56 25.32
CA GLY B 199 -12.60 -6.49 24.94
C GLY B 199 -12.14 -5.70 23.70
N VAL B 200 -10.96 -5.99 23.15
CA VAL B 200 -10.43 -5.20 22.05
C VAL B 200 -11.31 -5.34 20.83
N ASP B 201 -11.58 -4.26 20.11
CA ASP B 201 -12.43 -4.36 18.91
C ASP B 201 -11.69 -4.70 17.63
N VAL B 202 -10.51 -4.13 17.47
CA VAL B 202 -9.76 -4.31 16.23
C VAL B 202 -8.32 -4.69 16.57
N VAL B 203 -7.80 -5.69 15.88
CA VAL B 203 -6.41 -6.10 16.18
C VAL B 203 -5.54 -5.88 14.94
N VAL B 204 -4.40 -5.18 15.03
CA VAL B 204 -3.60 -5.04 13.83
C VAL B 204 -2.26 -5.73 14.00
N HIS B 205 -1.58 -6.05 12.90
CA HIS B 205 -0.28 -6.64 12.91
C HIS B 205 0.57 -6.08 11.74
N SER B 206 1.84 -6.01 12.06
CA SER B 206 2.83 -5.94 10.98
C SER B 206 3.08 -7.44 10.68
N ALA B 207 2.53 -8.02 9.61
CA ALA B 207 2.78 -9.41 9.28
C ALA B 207 4.22 -9.61 8.81
N THR B 208 4.96 -8.54 8.59
CA THR B 208 6.39 -8.56 8.32
C THR B 208 7.20 -9.29 9.36
N LYS B 209 6.73 -9.28 10.62
CA LYS B 209 7.44 -9.86 11.74
C LYS B 209 7.15 -11.32 11.93
N TYR B 210 6.65 -11.76 13.10
CA TYR B 210 6.48 -13.19 13.31
C TYR B 210 5.59 -13.97 12.38
N ILE B 211 4.45 -13.38 11.98
CA ILE B 211 3.47 -14.14 11.18
C ILE B 211 4.11 -14.67 9.91
N ASN B 212 4.75 -13.84 9.10
CA ASN B 212 5.51 -14.34 7.96
C ASN B 212 6.74 -15.10 8.50
N GLY B 213 7.44 -14.54 9.48
CA GLY B 213 8.57 -15.10 10.17
C GLY B 213 9.85 -15.35 9.38
N HIS B 214 9.97 -14.93 8.12
CA HIS B 214 11.11 -15.28 7.29
C HIS B 214 11.80 -14.07 6.67
N THR B 215 11.51 -12.89 7.22
CA THR B 215 12.26 -11.68 6.90
C THR B 215 12.35 -11.37 5.41
N ASP B 216 11.28 -11.67 4.65
CA ASP B 216 11.40 -11.44 3.20
C ASP B 216 10.11 -10.86 2.62
N VAL B 217 9.18 -10.47 3.53
CA VAL B 217 7.91 -9.93 3.09
C VAL B 217 7.51 -8.76 3.99
N VAL B 218 7.09 -7.64 3.40
CA VAL B 218 6.61 -6.51 4.20
C VAL B 218 5.10 -6.52 4.07
N ALA B 219 4.34 -6.63 5.13
CA ALA B 219 2.88 -6.69 4.93
C ALA B 219 2.17 -6.46 6.26
N GLY B 220 0.89 -6.12 6.21
CA GLY B 220 0.15 -5.87 7.44
C GLY B 220 -1.18 -6.60 7.44
N LEU B 221 -1.79 -6.68 8.63
CA LEU B 221 -3.07 -7.35 8.80
C LEU B 221 -4.00 -6.62 9.77
N ILE B 222 -5.30 -6.58 9.45
CA ILE B 222 -6.35 -5.94 10.23
C ILE B 222 -7.36 -7.00 10.61
N CYS B 223 -7.63 -7.22 11.89
CA CYS B 223 -8.58 -8.30 12.24
C CYS B 223 -9.74 -7.74 13.03
N GLY B 224 -10.98 -8.11 12.71
CA GLY B 224 -12.05 -7.50 13.53
C GLY B 224 -13.39 -7.90 12.97
N LYS B 225 -14.46 -7.18 13.32
CA LYS B 225 -15.80 -7.48 12.82
C LYS B 225 -15.90 -7.31 11.32
N ALA B 226 -16.73 -8.11 10.68
CA ALA B 226 -16.95 -8.03 9.25
C ALA B 226 -17.48 -6.70 8.73
N ASP B 227 -18.42 -6.06 9.43
CA ASP B 227 -18.98 -4.83 8.82
C ASP B 227 -17.96 -3.70 8.87
N LEU B 228 -17.24 -3.57 9.98
CA LEU B 228 -16.21 -2.52 10.03
C LEU B 228 -15.11 -2.83 9.03
N LEU B 229 -14.69 -4.09 8.93
CA LEU B 229 -13.63 -4.42 7.98
C LEU B 229 -14.03 -4.26 6.54
N GLN B 230 -15.30 -4.49 6.22
CA GLN B 230 -15.80 -4.17 4.88
C GLN B 230 -15.63 -2.68 4.57
N GLN B 231 -15.83 -1.78 5.55
CA GLN B 231 -15.66 -0.35 5.38
C GLN B 231 -14.16 -0.05 5.19
N ILE B 232 -13.31 -0.74 5.95
CA ILE B 232 -11.88 -0.53 5.85
C ILE B 232 -11.41 -0.97 4.46
N ARG B 233 -11.95 -2.07 3.98
CA ARG B 233 -11.59 -2.55 2.65
C ARG B 233 -12.05 -1.60 1.55
N MET B 234 -13.29 -1.11 1.65
CA MET B 234 -13.83 -0.30 0.55
C MET B 234 -13.45 1.16 0.68
N VAL B 235 -12.93 1.61 1.81
CA VAL B 235 -12.51 2.99 1.93
C VAL B 235 -11.01 3.07 2.25
N GLY B 236 -10.56 2.57 3.37
CA GLY B 236 -9.16 2.55 3.73
C GLY B 236 -8.21 1.93 2.68
N ILE B 237 -8.55 0.76 2.17
CA ILE B 237 -7.71 0.10 1.18
C ILE B 237 -8.00 0.61 -0.24
N LYS B 238 -9.19 0.52 -0.73
CA LYS B 238 -9.59 0.88 -2.09
C LYS B 238 -9.20 2.31 -2.46
N ASP B 239 -9.41 3.30 -1.60
CA ASP B 239 -9.14 4.66 -1.96
C ASP B 239 -8.06 5.39 -1.18
N ILE B 240 -8.05 5.29 0.15
CA ILE B 240 -7.19 6.15 0.94
C ILE B 240 -5.75 5.69 1.03
N THR B 241 -5.50 4.38 1.23
CA THR B 241 -4.05 4.06 1.34
C THR B 241 -3.61 3.42 0.04
N GLY B 242 -4.53 2.65 -0.55
CA GLY B 242 -4.11 1.87 -1.74
C GLY B 242 -2.99 0.89 -1.30
N SER B 243 -3.07 0.38 -0.07
CA SER B 243 -2.03 -0.52 0.42
C SER B 243 -2.42 -1.94 0.06
N VAL B 244 -2.25 -2.30 -1.20
CA VAL B 244 -2.70 -3.58 -1.72
C VAL B 244 -1.64 -4.65 -1.69
N ILE B 245 -1.84 -5.69 -0.89
CA ILE B 245 -0.70 -6.65 -0.87
C ILE B 245 -0.59 -7.40 -2.18
N SER B 246 0.61 -7.70 -2.61
CA SER B 246 0.87 -8.61 -3.70
C SER B 246 0.41 -10.04 -3.28
N PRO B 247 -0.36 -10.67 -4.13
CA PRO B 247 -0.80 -12.04 -3.95
C PRO B 247 0.40 -12.97 -3.76
N HIS B 248 1.49 -12.79 -4.48
CA HIS B 248 2.75 -13.49 -4.28
C HIS B 248 3.25 -13.35 -2.82
N ASP B 249 3.24 -12.15 -2.26
CA ASP B 249 3.62 -11.94 -0.88
C ASP B 249 2.61 -12.57 0.09
N ALA B 250 1.32 -12.50 -0.19
CA ALA B 250 0.33 -13.14 0.67
C ALA B 250 0.58 -14.64 0.72
N TRP B 251 0.86 -15.27 -0.44
CA TRP B 251 1.15 -16.69 -0.52
C TRP B 251 2.46 -16.97 0.25
N LEU B 252 3.46 -16.12 0.22
CA LEU B 252 4.63 -16.38 1.06
C LEU B 252 4.21 -16.31 2.52
N ILE B 253 3.35 -15.39 2.93
CA ILE B 253 2.96 -15.29 4.33
C ILE B 253 2.18 -16.52 4.76
N THR B 254 1.26 -17.08 3.96
CA THR B 254 0.60 -18.31 4.32
C THR B 254 1.60 -19.46 4.50
N ARG B 255 2.62 -19.49 3.65
CA ARG B 255 3.68 -20.47 3.78
C ARG B 255 4.41 -20.30 5.11
N GLY B 256 4.77 -19.06 5.47
CA GLY B 256 5.48 -18.77 6.73
C GLY B 256 4.59 -19.05 7.94
N LEU B 257 3.29 -18.77 7.81
CA LEU B 257 2.33 -19.02 8.86
C LEU B 257 2.28 -20.48 9.29
N SER B 258 2.51 -21.39 8.35
CA SER B 258 2.37 -22.81 8.72
C SER B 258 3.37 -23.21 9.78
N THR B 259 4.54 -22.56 9.94
CA THR B 259 5.41 -22.90 11.06
C THR B 259 5.31 -21.89 12.20
N LEU B 260 4.30 -21.03 12.24
CA LEU B 260 4.19 -20.04 13.30
C LEU B 260 4.13 -20.65 14.69
N ASN B 261 3.36 -21.72 14.89
CA ASN B 261 3.26 -22.28 16.25
C ASN B 261 4.59 -22.87 16.72
N ILE B 262 5.27 -23.63 15.85
CA ILE B 262 6.57 -24.13 16.26
C ILE B 262 7.62 -23.04 16.36
N ARG B 263 7.49 -22.01 15.52
CA ARG B 263 8.49 -20.93 15.60
C ARG B 263 8.31 -20.14 16.89
N MET B 264 7.08 -19.79 17.27
CA MET B 264 6.85 -18.94 18.44
C MET B 264 7.34 -19.63 19.72
N LYS B 265 7.06 -20.93 19.85
CA LYS B 265 7.51 -21.69 21.00
C LYS B 265 9.03 -21.73 21.06
N ALA B 266 9.70 -22.13 19.98
CA ALA B 266 11.16 -22.17 19.95
C ALA B 266 11.78 -20.80 20.21
N GLU B 267 11.24 -19.72 19.68
CA GLU B 267 11.79 -18.39 19.88
C GLU B 267 11.56 -17.91 21.29
N SER B 268 10.41 -18.17 21.88
CA SER B 268 10.14 -17.79 23.27
C SER B 268 11.02 -18.63 24.21
N GLU B 269 11.19 -19.92 23.93
CA GLU B 269 12.05 -20.73 24.79
C GLU B 269 13.49 -20.21 24.74
N ASN B 270 13.98 -19.91 23.55
CA ASN B 270 15.35 -19.41 23.43
C ASN B 270 15.47 -18.06 24.16
N ALA B 271 14.48 -17.19 23.99
CA ALA B 271 14.51 -15.85 24.57
C ALA B 271 14.60 -15.87 26.08
N MET B 272 13.87 -16.74 26.74
CA MET B 272 13.96 -16.91 28.20
C MET B 272 15.39 -17.26 28.57
N LYS B 273 16.00 -18.23 27.85
CA LYS B 273 17.40 -18.58 28.16
C LYS B 273 18.34 -17.40 27.93
N VAL B 274 18.17 -16.70 26.82
CA VAL B 274 19.02 -15.56 26.55
C VAL B 274 18.77 -14.44 27.55
N ALA B 275 17.53 -14.14 27.87
CA ALA B 275 17.29 -13.03 28.81
C ALA B 275 17.95 -13.33 30.17
N GLU B 276 17.80 -14.57 30.63
CA GLU B 276 18.37 -14.99 31.92
C GLU B 276 19.89 -14.89 31.86
N TYR B 277 20.49 -15.29 30.75
CA TYR B 277 21.93 -15.14 30.62
C TYR B 277 22.37 -13.68 30.70
N LEU B 278 21.65 -12.80 29.97
CA LEU B 278 22.04 -11.40 29.90
C LEU B 278 21.99 -10.74 31.27
N LYS B 279 20.92 -11.02 31.99
CA LYS B 279 20.65 -10.53 33.32
C LYS B 279 21.81 -10.76 34.28
N SER B 280 22.51 -11.89 34.19
CA SER B 280 23.60 -12.09 35.15
C SER B 280 24.98 -11.69 34.67
N HIS B 281 25.07 -11.14 33.47
CA HIS B 281 26.40 -10.74 33.00
C HIS B 281 26.73 -9.42 33.67
N PRO B 282 27.95 -9.30 34.19
CA PRO B 282 28.37 -8.12 34.93
C PRO B 282 28.42 -6.83 34.12
N ALA B 283 28.57 -6.91 32.80
CA ALA B 283 28.53 -5.72 31.96
C ALA B 283 27.13 -5.19 31.72
N VAL B 284 26.11 -6.00 31.96
CA VAL B 284 24.72 -5.64 31.73
C VAL B 284 24.10 -4.98 32.96
N GLU B 285 23.50 -3.81 32.78
CA GLU B 285 22.85 -3.11 33.87
C GLU B 285 21.42 -3.59 34.09
N LYS B 286 20.64 -3.59 32.99
CA LYS B 286 19.21 -3.90 33.20
C LYS B 286 18.68 -4.69 32.03
N VAL B 287 17.81 -5.67 32.31
CA VAL B 287 17.21 -6.47 31.25
C VAL B 287 15.70 -6.41 31.37
N TYR B 288 15.00 -6.12 30.27
CA TYR B 288 13.54 -6.13 30.25
C TYR B 288 13.07 -7.37 29.47
N TYR B 289 12.20 -8.17 30.04
CA TYR B 289 11.63 -9.38 29.48
C TYR B 289 10.34 -9.60 30.22
N PRO B 290 9.20 -9.69 29.56
CA PRO B 290 7.89 -9.85 30.17
C PRO B 290 7.79 -11.03 31.12
N GLY B 291 8.58 -12.07 30.86
CA GLY B 291 8.56 -13.26 31.72
C GLY B 291 9.26 -13.03 33.05
N PHE B 292 10.08 -12.00 33.24
CA PHE B 292 10.68 -11.77 34.54
C PHE B 292 9.58 -11.41 35.54
N GLU B 293 9.68 -11.97 36.75
CA GLU B 293 8.77 -11.65 37.82
C GLU B 293 8.93 -10.19 38.25
N ASP B 294 10.09 -9.57 38.17
CA ASP B 294 10.19 -8.16 38.54
C ASP B 294 9.80 -7.24 37.39
N HIS B 295 9.39 -7.73 36.23
CA HIS B 295 8.98 -6.88 35.12
C HIS B 295 7.68 -6.18 35.54
N GLU B 296 7.58 -4.88 35.42
CA GLU B 296 6.31 -4.21 35.78
C GLU B 296 5.16 -4.75 34.94
N GLY B 297 4.03 -5.07 35.59
CA GLY B 297 2.92 -5.65 34.86
C GLY B 297 3.13 -7.13 34.50
N HIS B 298 4.10 -7.77 35.17
CA HIS B 298 4.32 -9.21 34.93
C HIS B 298 3.04 -9.98 35.09
N ASP B 299 2.28 -9.75 36.16
CA ASP B 299 1.02 -10.45 36.38
C ASP B 299 0.02 -10.19 35.28
N ILE B 300 -0.01 -8.99 34.71
CA ILE B 300 -0.91 -8.70 33.60
C ILE B 300 -0.41 -9.49 32.38
N ALA B 301 0.91 -9.46 32.16
CA ALA B 301 1.51 -10.16 31.05
C ALA B 301 1.14 -11.64 31.10
N LYS B 302 1.24 -12.28 32.26
CA LYS B 302 0.92 -13.70 32.40
C LYS B 302 -0.54 -13.96 32.06
N LYS B 303 -1.39 -13.04 32.49
CA LYS B 303 -2.80 -13.11 32.15
C LYS B 303 -3.03 -13.01 30.64
N GLN B 304 -2.28 -12.17 29.93
CA GLN B 304 -2.61 -11.93 28.53
C GLN B 304 -1.81 -12.73 27.53
N MET B 305 -0.66 -13.26 27.97
CA MET B 305 0.26 -13.95 27.07
C MET B 305 0.46 -15.44 27.38
N ARG B 306 0.22 -16.32 26.41
CA ARG B 306 0.44 -17.75 26.63
C ARG B 306 1.92 -18.06 26.79
N MET B 307 2.81 -17.34 26.12
CA MET B 307 4.27 -17.48 26.22
C MET B 307 4.82 -16.06 26.35
N TYR B 308 6.06 -15.88 26.78
CA TYR B 308 6.50 -14.51 27.01
C TYR B 308 7.16 -13.80 25.84
N GLY B 309 7.11 -14.36 24.64
CA GLY B 309 7.70 -13.66 23.50
C GLY B 309 9.18 -13.91 23.32
N SER B 310 9.69 -13.37 22.22
CA SER B 310 11.10 -13.54 21.87
C SER B 310 11.83 -12.19 21.84
N MET B 311 11.12 -11.15 22.30
CA MET B 311 11.69 -9.80 22.32
C MET B 311 12.32 -9.58 23.71
N ILE B 312 13.50 -9.01 23.70
CA ILE B 312 14.22 -8.72 24.94
C ILE B 312 14.85 -7.34 24.75
N THR B 313 14.73 -6.44 25.70
CA THR B 313 15.38 -5.12 25.60
C THR B 313 16.29 -4.97 26.82
N PHE B 314 17.50 -4.50 26.57
CA PHE B 314 18.42 -4.42 27.71
C PHE B 314 19.34 -3.23 27.60
N ILE B 315 19.92 -2.90 28.73
CA ILE B 315 20.79 -1.71 28.85
C ILE B 315 22.13 -2.11 29.40
N LEU B 316 23.22 -1.67 28.80
CA LEU B 316 24.53 -1.98 29.36
C LEU B 316 24.95 -0.91 30.38
N LYS B 317 25.83 -1.26 31.33
CA LYS B 317 26.35 -0.27 32.27
C LYS B 317 27.26 0.71 31.51
N SER B 318 27.80 0.37 30.35
CA SER B 318 28.55 1.31 29.53
C SER B 318 27.67 2.08 28.54
N GLY B 319 26.35 2.05 28.70
CA GLY B 319 25.46 2.89 27.92
C GLY B 319 25.54 2.76 26.41
N PHE B 320 25.31 3.89 25.75
CA PHE B 320 25.29 3.98 24.31
C PHE B 320 26.58 3.56 23.63
N GLU B 321 27.71 4.06 24.15
CA GLU B 321 29.01 3.67 23.58
C GLU B 321 29.25 2.19 23.82
N GLY B 322 28.81 1.68 24.98
CA GLY B 322 28.92 0.24 25.21
C GLY B 322 28.05 -0.49 24.18
N ALA B 323 26.82 -0.04 23.95
CA ALA B 323 25.93 -0.66 23.01
C ALA B 323 26.55 -0.74 21.62
N LYS B 324 27.30 0.27 21.17
CA LYS B 324 27.83 0.23 19.81
C LYS B 324 28.95 -0.80 19.73
N LYS B 325 29.77 -0.85 20.79
CA LYS B 325 30.85 -1.81 20.76
C LYS B 325 30.27 -3.24 20.75
N LEU B 326 29.36 -3.57 21.66
CA LEU B 326 28.81 -4.91 21.62
C LEU B 326 28.21 -5.23 20.25
N LEU B 327 27.30 -4.35 19.82
CA LEU B 327 26.62 -4.55 18.55
C LEU B 327 27.51 -4.73 17.34
N ASP B 328 28.58 -3.98 17.23
CA ASP B 328 29.53 -4.10 16.15
C ASP B 328 30.34 -5.39 16.21
N ASN B 329 30.42 -6.04 17.36
CA ASN B 329 31.23 -7.22 17.53
C ASN B 329 30.42 -8.52 17.66
N LEU B 330 29.10 -8.49 17.54
CA LEU B 330 28.34 -9.74 17.54
C LEU B 330 28.60 -10.51 16.26
N LYS B 331 28.78 -11.83 16.32
CA LYS B 331 29.09 -12.59 15.13
C LYS B 331 27.93 -13.47 14.69
N LEU B 332 26.99 -13.77 15.56
CA LEU B 332 25.90 -14.65 15.08
C LEU B 332 24.62 -13.83 14.96
N ILE B 333 24.38 -12.98 15.97
CA ILE B 333 23.23 -12.12 16.00
C ILE B 333 23.37 -11.08 14.89
N THR B 334 22.30 -10.75 14.19
CA THR B 334 22.44 -9.89 13.01
C THR B 334 22.07 -8.46 13.33
N LEU B 335 22.92 -7.52 12.92
CA LEU B 335 22.61 -6.10 13.13
C LEU B 335 21.68 -5.55 12.06
N ALA B 336 20.41 -5.34 12.40
CA ALA B 336 19.43 -4.83 11.44
C ALA B 336 18.15 -4.40 12.13
N VAL B 337 17.27 -3.61 11.52
CA VAL B 337 15.97 -3.41 12.18
C VAL B 337 15.06 -4.56 11.74
N SER B 338 13.83 -4.53 12.20
CA SER B 338 12.82 -5.53 12.04
C SER B 338 12.99 -6.56 13.17
N LEU B 339 12.14 -7.60 13.14
CA LEU B 339 12.14 -8.57 14.23
C LEU B 339 11.26 -9.73 13.83
N GLY B 340 11.19 -10.76 14.68
CA GLY B 340 10.33 -11.90 14.44
C GLY B 340 10.77 -12.84 13.33
N GLY B 341 12.03 -12.80 12.92
CA GLY B 341 12.41 -13.76 11.89
C GLY B 341 13.05 -15.00 12.53
N CYS B 342 13.44 -15.96 11.70
CA CYS B 342 14.09 -17.18 12.21
C CYS B 342 15.51 -16.88 12.67
N GLU B 343 16.13 -15.83 12.15
CA GLU B 343 17.43 -15.40 12.59
C GLU B 343 17.25 -14.30 13.65
N SER B 344 18.18 -14.28 14.61
CA SER B 344 18.15 -13.31 15.68
C SER B 344 18.64 -11.95 15.16
N LEU B 345 17.84 -10.93 15.48
CA LEU B 345 18.22 -9.57 15.05
C LEU B 345 18.45 -8.68 16.25
N ILE B 346 19.18 -7.60 16.07
CA ILE B 346 19.41 -6.68 17.17
C ILE B 346 19.62 -5.29 16.61
N GLN B 347 19.21 -4.25 17.36
CA GLN B 347 19.35 -2.89 16.90
C GLN B 347 19.32 -1.93 18.10
N HIS B 348 19.50 -0.66 17.86
CA HIS B 348 19.54 0.38 18.90
C HIS B 348 18.46 1.40 18.65
N PRO B 349 17.33 1.32 19.34
CA PRO B 349 16.15 2.08 18.97
C PRO B 349 16.34 3.59 18.90
N ALA B 350 17.13 4.18 19.79
CA ALA B 350 17.25 5.65 19.75
C ALA B 350 17.90 6.14 18.46
N SER B 351 18.86 5.45 17.87
CA SER B 351 19.42 5.98 16.63
C SER B 351 18.85 5.29 15.39
N MET B 352 17.98 4.31 15.63
CA MET B 352 17.46 3.51 14.51
C MET B 352 15.96 3.46 14.45
N THR B 353 15.24 2.45 14.97
CA THR B 353 13.78 2.45 14.82
C THR B 353 13.06 3.64 15.44
N HIS B 354 13.58 4.25 16.51
CA HIS B 354 12.85 5.37 17.12
C HIS B 354 13.56 6.72 16.99
N ALA B 355 14.57 6.79 16.13
CA ALA B 355 15.26 8.05 15.90
C ALA B 355 14.32 9.15 15.38
N VAL B 356 13.30 8.79 14.59
CA VAL B 356 12.28 9.69 14.09
C VAL B 356 11.43 10.36 15.18
N VAL B 357 11.39 9.79 16.38
CA VAL B 357 10.70 10.37 17.52
C VAL B 357 11.70 11.25 18.28
N PRO B 358 11.32 12.52 18.51
CA PRO B 358 12.15 13.46 19.23
C PRO B 358 12.60 12.90 20.57
N LYS B 359 13.84 13.13 20.96
CA LYS B 359 14.41 12.58 22.17
C LYS B 359 13.49 12.71 23.38
N GLU B 360 13.01 13.92 23.65
CA GLU B 360 12.16 14.19 24.80
C GLU B 360 10.93 13.30 24.84
N GLU B 361 10.33 13.03 23.68
CA GLU B 361 9.19 12.12 23.61
C GLU B 361 9.65 10.66 23.79
N ARG B 362 10.81 10.33 23.24
CA ARG B 362 11.38 9.01 23.49
C ARG B 362 11.50 8.76 24.98
N GLU B 363 12.30 9.60 25.63
CA GLU B 363 12.55 9.48 27.06
C GLU B 363 11.31 9.58 27.92
N ALA B 364 10.32 10.38 27.59
CA ALA B 364 9.09 10.47 28.38
C ALA B 364 8.35 9.14 28.34
N ALA B 365 8.50 8.43 27.23
CA ALA B 365 7.91 7.09 27.12
C ALA B 365 8.79 6.01 27.70
N GLY B 366 9.94 6.27 28.27
CA GLY B 366 10.81 5.23 28.78
C GLY B 366 11.84 4.69 27.81
N ILE B 367 11.96 5.32 26.64
CA ILE B 367 12.97 4.86 25.68
C ILE B 367 14.24 5.64 25.92
N THR B 368 15.25 4.92 26.38
CA THR B 368 16.53 5.52 26.68
C THR B 368 17.53 5.24 25.57
N ASP B 369 18.56 6.06 25.56
CA ASP B 369 19.66 6.00 24.59
C ASP B 369 20.58 4.82 24.79
N GLY B 370 20.45 4.15 25.94
CA GLY B 370 21.24 2.98 26.24
C GLY B 370 20.51 1.70 25.79
N MET B 371 19.18 1.74 25.59
CA MET B 371 18.46 0.53 25.25
C MET B 371 18.95 -0.11 23.95
N ILE B 372 18.98 -1.41 23.99
CA ILE B 372 19.30 -2.33 22.91
C ILE B 372 18.10 -3.26 22.82
N ARG B 373 17.59 -3.43 21.60
CA ARG B 373 16.41 -4.30 21.41
C ARG B 373 16.81 -5.50 20.60
N LEU B 374 16.47 -6.69 21.12
CA LEU B 374 16.87 -7.97 20.52
C LEU B 374 15.63 -8.80 20.20
N SER B 375 15.60 -9.46 19.07
CA SER B 375 14.53 -10.34 18.64
C SER B 375 15.18 -11.72 18.42
N VAL B 376 14.88 -12.66 19.31
CA VAL B 376 15.59 -13.94 19.31
C VAL B 376 14.93 -14.91 18.33
N GLY B 377 15.75 -15.52 17.48
CA GLY B 377 15.32 -16.48 16.49
C GLY B 377 15.45 -17.92 17.03
N ILE B 378 15.60 -18.86 16.12
CA ILE B 378 15.59 -20.29 16.46
C ILE B 378 16.95 -20.95 16.35
N GLU B 379 18.02 -20.17 16.43
CA GLU B 379 19.36 -20.73 16.47
C GLU B 379 19.50 -21.55 17.77
N ASP B 380 20.63 -22.22 17.90
CA ASP B 380 20.93 -22.97 19.14
C ASP B 380 21.15 -21.96 20.27
N ALA B 381 20.46 -22.04 21.40
CA ALA B 381 20.57 -21.10 22.50
C ALA B 381 21.95 -21.01 23.10
N ASP B 382 22.71 -22.10 23.22
CA ASP B 382 24.09 -21.99 23.71
C ASP B 382 24.94 -21.16 22.75
N GLU B 383 24.77 -21.35 21.45
CA GLU B 383 25.55 -20.51 20.53
C GLU B 383 25.13 -19.04 20.58
N LEU B 384 23.84 -18.77 20.76
CA LEU B 384 23.46 -17.37 20.98
C LEU B 384 24.14 -16.82 22.21
N ILE B 385 24.09 -17.57 23.32
CA ILE B 385 24.70 -17.08 24.58
C ILE B 385 26.18 -16.84 24.40
N ALA B 386 26.83 -17.73 23.67
CA ALA B 386 28.27 -17.62 23.45
C ALA B 386 28.56 -16.38 22.62
N ASP B 387 27.72 -16.04 21.63
CA ASP B 387 28.01 -14.80 20.89
C ASP B 387 27.96 -13.62 21.85
N PHE B 388 26.95 -13.52 22.72
CA PHE B 388 26.87 -12.43 23.68
C PHE B 388 28.06 -12.46 24.66
N LYS B 389 28.38 -13.64 25.19
CA LYS B 389 29.52 -13.73 26.11
C LYS B 389 30.78 -13.08 25.54
N GLN B 390 31.19 -13.49 24.34
CA GLN B 390 32.39 -12.95 23.73
C GLN B 390 32.23 -11.45 23.52
N GLY B 391 31.04 -11.01 23.09
CA GLY B 391 30.87 -9.60 22.80
C GLY B 391 30.88 -8.81 24.10
N LEU B 392 30.21 -9.30 25.13
CA LEU B 392 30.09 -8.63 26.40
C LEU B 392 31.39 -8.68 27.21
N ASP B 393 32.09 -9.80 27.27
CA ASP B 393 33.35 -9.90 28.00
C ASP B 393 34.33 -8.82 27.55
N ALA B 394 34.38 -8.48 26.27
CA ALA B 394 35.21 -7.43 25.71
C ALA B 394 34.95 -6.04 26.27
N LEU B 395 33.76 -5.79 26.81
CA LEU B 395 33.37 -4.56 27.46
C LEU B 395 33.95 -4.55 28.89
N LEU B 396 34.38 -5.71 29.34
CA LEU B 396 34.98 -6.03 30.61
C LEU B 396 33.92 -6.31 31.67
#